data_9EU1
#
_entry.id   9EU1
#
_cell.length_a   139.167
_cell.length_b   139.167
_cell.length_c   110.233
_cell.angle_alpha   90.000
_cell.angle_beta   90.000
_cell.angle_gamma   120.000
#
_symmetry.space_group_name_H-M   'P 32 2 1'
#
loop_
_entity.id
_entity.type
_entity.pdbx_description
1 polymer Alpha-L-fucosidase
2 non-polymer 2-AMINO-2-HYDROXYMETHYL-PROPANE-1,3-DIOL
3 non-polymer 'SULFATE ION'
4 non-polymer 'SODIUM ION'
5 non-polymer 'CHLORIDE ION'
6 non-polymer 2-[BIS-(2-HYDROXY-ETHYL)-AMINO]-2-HYDROXYMETHYL-PROPANE-1,3-DIOL
7 water water
#
_entity_poly.entity_id   1
_entity_poly.type   'polypeptide(L)'
_entity_poly.pdbx_seq_one_letter_code
;MQQKYQPTEANLKARSEFQDNKFGIFLHWGLYAMLATGEWTMTNNNLNYKEYAKLAGGFYPSKFDADKWVAAIKASGAKY
ICFTTRHHEGFSMFDTKYSDYNIVKATPFKRDVVKELADACAKHGIKLHFYYSHIDWYREDAPQGRTGRRTGRPNPKGDW
KSYYQFMNNQLTELLTNYGPIGAIWFDGWWDQDINPDFDWELPEQYALIHRLQPACLVGNNHHQTPFAGEDIQIFERDLP
GENTAGLSGQSVSHLPLETCETMNGMWGYKITDQNYKSTKTLIHYLVKAAGKDANLLMNIGPQPDGELPEVAVQRLKEVG
EWMSKYGETIYGTRGGLVAPHDWGVTTQKGNKLYVHILNLQDKALFLPIVDKKVKKAVVFADKTPVRFTKNKEGIVLELA
KVPTDVDYVVELTIDLEHHHHHH
;
_entity_poly.pdbx_strand_id   A,B
#
loop_
_chem_comp.id
_chem_comp.type
_chem_comp.name
_chem_comp.formula
BTB non-polymer 2-[BIS-(2-HYDROXY-ETHYL)-AMINO]-2-HYDROXYMETHYL-PROPANE-1,3-DIOL 'C8 H19 N O5'
CL non-polymer 'CHLORIDE ION' 'Cl -1'
NA non-polymer 'SODIUM ION' 'Na 1'
SO4 non-polymer 'SULFATE ION' 'O4 S -2'
TRS non-polymer 2-AMINO-2-HYDROXYMETHYL-PROPANE-1,3-DIOL 'C4 H12 N O3 1'
#
# COMPACT_ATOMS: atom_id res chain seq x y z
N GLN A 2 -10.82 -11.92 12.03
CA GLN A 2 -10.50 -13.23 12.59
C GLN A 2 -9.29 -13.87 11.89
N GLN A 3 -8.88 -13.27 10.77
CA GLN A 3 -7.64 -13.63 10.10
C GLN A 3 -6.52 -12.70 10.57
N LYS A 4 -5.38 -13.26 10.97
CA LYS A 4 -4.25 -12.45 11.37
C LYS A 4 -3.83 -11.49 10.26
N TYR A 5 -3.60 -12.02 9.07
CA TYR A 5 -3.18 -11.23 7.92
C TYR A 5 -4.38 -10.82 7.07
N GLN A 6 -4.54 -9.51 6.87
CA GLN A 6 -5.69 -8.98 6.12
C GLN A 6 -5.15 -8.14 4.97
N PRO A 7 -5.08 -8.65 3.74
CA PRO A 7 -4.45 -7.88 2.67
C PRO A 7 -5.21 -6.58 2.40
N THR A 8 -4.46 -5.50 2.27
CA THR A 8 -5.05 -4.19 1.99
C THR A 8 -5.62 -4.14 0.58
N GLU A 9 -6.52 -3.15 0.37
CA GLU A 9 -6.97 -2.87 -0.99
C GLU A 9 -5.79 -2.62 -1.91
N ALA A 10 -4.78 -1.89 -1.44
CA ALA A 10 -3.61 -1.63 -2.29
C ALA A 10 -2.92 -2.93 -2.68
N ASN A 11 -2.73 -3.83 -1.71
CA ASN A 11 -2.08 -5.09 -2.02
C ASN A 11 -2.94 -5.93 -2.97
N LEU A 12 -4.26 -6.00 -2.72
CA LEU A 12 -5.14 -6.81 -3.57
C LEU A 12 -5.13 -6.30 -5.00
N LYS A 13 -5.10 -4.97 -5.17
CA LYS A 13 -4.99 -4.41 -6.51
C LYS A 13 -3.69 -4.80 -7.17
N ALA A 14 -2.60 -4.75 -6.42
CA ALA A 14 -1.29 -5.10 -6.93
C ALA A 14 -1.24 -6.57 -7.35
N ARG A 15 -1.92 -7.45 -6.60
CA ARG A 15 -1.98 -8.86 -6.98
C ARG A 15 -2.62 -9.01 -8.36
N SER A 16 -3.72 -8.30 -8.60
CA SER A 16 -4.44 -8.40 -9.87
C SER A 16 -3.62 -7.81 -11.02
N GLU A 17 -2.86 -6.72 -10.77
CA GLU A 17 -1.97 -6.18 -11.80
C GLU A 17 -0.86 -7.16 -12.14
N PHE A 18 -0.27 -7.80 -11.12
CA PHE A 18 0.73 -8.86 -11.35
C PHE A 18 0.16 -9.95 -12.26
N GLN A 19 -1.03 -10.46 -11.93
CA GLN A 19 -1.64 -11.49 -12.76
C GLN A 19 -1.91 -10.97 -14.18
N ASP A 20 -2.26 -9.69 -14.31
CA ASP A 20 -2.49 -9.13 -15.64
C ASP A 20 -1.22 -9.08 -16.46
N ASN A 21 -0.09 -8.83 -15.80
CA ASN A 21 1.19 -8.62 -16.52
C ASN A 21 1.78 -9.92 -17.06
N LYS A 22 1.55 -11.06 -16.40
CA LYS A 22 1.83 -12.41 -16.86
C LYS A 22 3.27 -12.83 -17.10
N PHE A 23 4.15 -11.94 -17.54
CA PHE A 23 5.47 -12.35 -18.05
C PHE A 23 6.56 -11.47 -17.48
N GLY A 24 7.54 -12.08 -16.81
CA GLY A 24 8.65 -11.34 -16.24
C GLY A 24 9.97 -12.02 -16.55
N ILE A 25 11.04 -11.24 -16.40
CA ILE A 25 12.38 -11.78 -16.64
C ILE A 25 13.16 -11.78 -15.33
N PHE A 26 13.72 -12.95 -15.00
CA PHE A 26 14.60 -13.15 -13.83
C PHE A 26 16.03 -12.80 -14.26
N LEU A 27 16.78 -12.13 -13.39
CA LEU A 27 18.19 -11.86 -13.65
C LEU A 27 19.01 -12.31 -12.43
N HIS A 28 19.83 -13.35 -12.61
CA HIS A 28 20.75 -13.78 -11.55
C HIS A 28 22.14 -13.23 -11.84
N TRP A 29 22.57 -12.24 -11.07
CA TRP A 29 23.87 -11.62 -11.27
C TRP A 29 24.52 -11.33 -9.92
N GLY A 30 25.75 -11.80 -9.78
CA GLY A 30 26.55 -11.56 -8.58
C GLY A 30 27.99 -11.94 -8.88
N LEU A 31 28.81 -12.06 -7.82
CA LEU A 31 30.22 -12.37 -8.04
C LEU A 31 30.41 -13.74 -8.71
N TYR A 32 29.46 -14.65 -8.51
CA TYR A 32 29.56 -15.95 -9.17
C TYR A 32 29.66 -15.81 -10.67
N ALA A 33 29.31 -14.65 -11.25
CA ALA A 33 29.39 -14.50 -12.70
C ALA A 33 30.84 -14.53 -13.17
N MET A 34 31.78 -14.14 -12.32
CA MET A 34 33.20 -14.21 -12.69
C MET A 34 33.66 -15.65 -12.82
N LEU A 35 33.28 -16.51 -11.88
CA LEU A 35 33.62 -17.91 -11.94
C LEU A 35 32.86 -18.64 -13.04
N ALA A 36 31.67 -18.18 -13.37
CA ALA A 36 30.96 -18.64 -14.58
C ALA A 36 30.64 -20.13 -14.49
N THR A 37 30.43 -20.63 -13.27
CA THR A 37 30.09 -22.03 -13.03
C THR A 37 28.80 -22.19 -12.23
N GLY A 38 28.09 -21.10 -11.96
CA GLY A 38 26.82 -21.20 -11.26
C GLY A 38 26.81 -20.48 -9.93
N GLU A 39 25.63 -19.97 -9.52
CA GLU A 39 25.52 -19.27 -8.24
C GLU A 39 25.76 -20.19 -7.03
N TRP A 40 25.67 -21.50 -7.19
CA TRP A 40 25.92 -22.44 -6.10
C TRP A 40 27.39 -22.81 -5.97
N THR A 41 28.27 -22.22 -6.78
CA THR A 41 29.66 -22.67 -6.81
C THR A 41 30.31 -22.57 -5.43
N MET A 42 30.02 -21.51 -4.67
CA MET A 42 30.62 -21.36 -3.34
C MET A 42 30.46 -22.59 -2.48
N THR A 43 29.22 -23.10 -2.37
CA THR A 43 28.97 -24.25 -1.51
C THR A 43 29.28 -25.56 -2.21
N ASN A 44 29.06 -25.65 -3.54
CA ASN A 44 29.39 -26.90 -4.24
C ASN A 44 30.86 -27.25 -4.09
N ASN A 45 31.74 -26.25 -4.18
CA ASN A 45 33.19 -26.48 -4.19
C ASN A 45 33.86 -26.09 -2.87
N ASN A 46 33.08 -25.89 -1.79
CA ASN A 46 33.61 -25.64 -0.46
C ASN A 46 34.67 -24.53 -0.47
N LEU A 47 34.32 -23.41 -1.08
CA LEU A 47 35.26 -22.29 -1.15
C LEU A 47 35.30 -21.50 0.15
N ASN A 48 36.50 -21.11 0.55
CA ASN A 48 36.65 -20.31 1.78
C ASN A 48 36.01 -18.94 1.60
N TYR A 49 35.29 -18.49 2.62
CA TYR A 49 34.49 -17.28 2.48
C TYR A 49 35.36 -16.05 2.24
N LYS A 50 36.52 -15.96 2.90
CA LYS A 50 37.41 -14.81 2.69
C LYS A 50 38.11 -14.87 1.33
N GLU A 51 38.51 -16.07 0.90
CA GLU A 51 39.08 -16.22 -0.45
C GLU A 51 38.07 -15.83 -1.54
N TYR A 52 36.82 -16.25 -1.38
CA TYR A 52 35.80 -15.91 -2.38
C TYR A 52 35.57 -14.41 -2.44
N ALA A 53 35.56 -13.76 -1.29
CA ALA A 53 35.36 -12.31 -1.23
C ALA A 53 36.46 -11.53 -1.93
N LYS A 54 37.65 -12.13 -2.11
CA LYS A 54 38.71 -11.43 -2.86
C LYS A 54 38.36 -11.26 -4.33
N LEU A 55 37.45 -12.07 -4.87
CA LEU A 55 36.99 -11.86 -6.23
C LEU A 55 36.47 -10.45 -6.45
N ALA A 56 35.88 -9.84 -5.42
CA ALA A 56 35.22 -8.56 -5.62
C ALA A 56 36.19 -7.49 -6.14
N GLY A 57 37.45 -7.55 -5.73
CA GLY A 57 38.45 -6.62 -6.22
C GLY A 57 38.78 -6.75 -7.67
N GLY A 58 38.24 -7.78 -8.33
CA GLY A 58 38.39 -8.00 -9.76
C GLY A 58 37.11 -7.86 -10.54
N PHE A 59 36.01 -7.43 -9.93
CA PHE A 59 34.72 -7.39 -10.57
C PHE A 59 34.52 -6.03 -11.20
N TYR A 60 34.40 -6.02 -12.52
CA TYR A 60 34.28 -4.76 -13.28
C TYR A 60 33.55 -5.06 -14.57
N PRO A 61 32.21 -5.11 -14.54
CA PRO A 61 31.43 -5.46 -15.76
C PRO A 61 31.30 -4.23 -16.66
N SER A 62 32.37 -3.98 -17.42
CA SER A 62 32.55 -2.69 -18.07
C SER A 62 31.44 -2.36 -19.07
N LYS A 63 30.80 -3.39 -19.64
CA LYS A 63 29.79 -3.17 -20.67
C LYS A 63 28.37 -3.12 -20.12
N PHE A 64 28.21 -3.18 -18.79
CA PHE A 64 26.90 -3.01 -18.19
C PHE A 64 26.23 -1.73 -18.66
N ASP A 65 24.96 -1.85 -19.03
CA ASP A 65 24.16 -0.69 -19.46
C ASP A 65 22.72 -1.02 -19.09
N ALA A 66 22.26 -0.46 -17.96
CA ALA A 66 20.93 -0.82 -17.47
C ALA A 66 19.84 -0.48 -18.49
N ASP A 67 19.99 0.66 -19.16
CA ASP A 67 19.06 1.06 -20.20
C ASP A 67 18.98 0.01 -21.30
N LYS A 68 20.13 -0.48 -21.76
CA LYS A 68 20.15 -1.54 -22.76
C LYS A 68 19.51 -2.83 -22.24
N TRP A 69 19.72 -3.18 -20.98
CA TRP A 69 19.11 -4.39 -20.46
C TRP A 69 17.59 -4.28 -20.49
N VAL A 70 17.07 -3.21 -19.90
CA VAL A 70 15.62 -3.05 -19.76
C VAL A 70 14.98 -2.94 -21.13
N ALA A 71 15.65 -2.27 -22.07
CA ALA A 71 15.10 -2.14 -23.42
C ALA A 71 14.99 -3.50 -24.09
N ALA A 72 16.03 -4.32 -23.98
CA ALA A 72 16.01 -5.67 -24.52
C ALA A 72 14.91 -6.50 -23.86
N ILE A 73 14.72 -6.32 -22.55
CA ILE A 73 13.69 -7.09 -21.84
C ILE A 73 12.30 -6.59 -22.20
N LYS A 74 12.13 -5.26 -22.33
CA LYS A 74 10.84 -4.73 -22.73
C LYS A 74 10.43 -5.20 -24.13
N ALA A 75 11.41 -5.36 -25.03
CA ALA A 75 11.14 -5.81 -26.39
C ALA A 75 10.60 -7.23 -26.44
N SER A 76 10.75 -8.00 -25.38
CA SER A 76 10.23 -9.37 -25.35
C SER A 76 8.75 -9.40 -24.99
N GLY A 77 8.19 -8.28 -24.55
CA GLY A 77 6.85 -8.24 -24.00
C GLY A 77 6.80 -8.50 -22.51
N ALA A 78 7.92 -8.80 -21.87
CA ALA A 78 7.95 -8.92 -20.41
C ALA A 78 7.59 -7.58 -19.80
N LYS A 79 6.90 -7.64 -18.65
CA LYS A 79 6.39 -6.43 -18.01
C LYS A 79 7.02 -6.14 -16.67
N TYR A 80 7.82 -7.05 -16.14
CA TYR A 80 8.53 -6.83 -14.90
C TYR A 80 9.85 -7.60 -14.92
N ILE A 81 10.71 -7.26 -13.96
CA ILE A 81 12.03 -7.88 -13.81
C ILE A 81 12.20 -8.26 -12.35
N CYS A 82 12.74 -9.45 -12.10
CA CYS A 82 13.15 -9.87 -10.77
C CYS A 82 14.67 -9.99 -10.73
N PHE A 83 15.30 -9.16 -9.91
CA PHE A 83 16.76 -9.05 -9.91
C PHE A 83 17.34 -9.47 -8.56
N THR A 84 18.42 -10.24 -8.60
CA THR A 84 19.09 -10.73 -7.40
C THR A 84 19.88 -9.62 -6.71
N THR A 85 19.25 -8.98 -5.72
CA THR A 85 19.95 -7.94 -4.97
C THR A 85 21.08 -8.54 -4.14
N ARG A 86 20.90 -9.77 -3.67
CA ARG A 86 21.89 -10.46 -2.82
C ARG A 86 21.51 -11.93 -2.82
N HIS A 87 22.41 -12.79 -3.33
CA HIS A 87 22.16 -14.21 -3.39
C HIS A 87 22.80 -14.90 -2.20
N HIS A 88 22.80 -16.24 -2.20
CA HIS A 88 23.39 -16.98 -1.09
C HIS A 88 24.85 -16.61 -0.84
N GLU A 89 25.58 -16.26 -1.89
CA GLU A 89 26.98 -15.85 -1.68
C GLU A 89 27.10 -14.63 -0.75
N GLY A 90 26.00 -13.92 -0.49
CA GLY A 90 26.00 -12.86 0.49
C GLY A 90 26.53 -11.52 0.01
N PHE A 91 26.80 -11.37 -1.29
CA PHE A 91 27.34 -10.14 -1.85
C PHE A 91 26.19 -9.24 -2.23
N SER A 92 26.18 -8.02 -1.69
CA SER A 92 25.12 -7.07 -1.97
C SER A 92 25.40 -6.32 -3.27
N MET A 93 24.45 -6.40 -4.22
CA MET A 93 24.54 -5.73 -5.52
C MET A 93 24.00 -4.29 -5.48
N PHE A 94 23.92 -3.69 -4.29
CA PHE A 94 23.43 -2.33 -4.12
C PHE A 94 24.27 -1.67 -3.04
N ASP A 95 24.21 -0.33 -2.99
CA ASP A 95 24.96 0.42 -1.99
C ASP A 95 24.25 0.28 -0.65
N THR A 96 24.86 -0.46 0.29
CA THR A 96 24.26 -0.73 1.58
C THR A 96 25.17 -0.21 2.68
N LYS A 97 24.56 0.37 3.71
CA LYS A 97 25.28 0.90 4.85
C LYS A 97 25.53 -0.17 5.91
N TYR A 98 25.01 -1.37 5.70
CA TYR A 98 25.08 -2.41 6.73
C TYR A 98 26.09 -3.49 6.40
N SER A 99 26.83 -3.35 5.32
CA SER A 99 27.97 -4.21 5.03
C SER A 99 28.81 -3.55 3.94
N ASP A 100 30.14 -3.61 4.09
CA ASP A 100 31.02 -3.13 3.03
C ASP A 100 31.19 -4.12 1.90
N TYR A 101 30.64 -5.33 2.03
CA TYR A 101 30.77 -6.38 0.98
C TYR A 101 29.69 -6.15 -0.08
N ASN A 102 29.93 -5.13 -0.90
CA ASN A 102 28.89 -4.67 -1.82
C ASN A 102 29.56 -4.08 -3.05
N ILE A 103 28.77 -3.96 -4.10
CA ILE A 103 29.30 -3.57 -5.42
C ILE A 103 29.92 -2.17 -5.43
N VAL A 104 29.44 -1.26 -4.58
CA VAL A 104 30.00 0.09 -4.59
C VAL A 104 31.33 0.11 -3.83
N LYS A 105 31.34 -0.42 -2.61
CA LYS A 105 32.49 -0.27 -1.74
C LYS A 105 33.61 -1.27 -2.02
N ALA A 106 33.29 -2.47 -2.47
CA ALA A 106 34.26 -3.57 -2.49
C ALA A 106 34.76 -3.92 -3.88
N THR A 107 34.27 -3.26 -4.93
CA THR A 107 34.73 -3.54 -6.28
C THR A 107 35.27 -2.27 -6.91
N PRO A 108 36.14 -2.40 -7.93
CA PRO A 108 36.54 -1.22 -8.71
C PRO A 108 35.41 -0.64 -9.60
N PHE A 109 34.31 -1.35 -9.82
CA PHE A 109 33.23 -0.82 -10.62
C PHE A 109 32.54 0.37 -9.94
N LYS A 110 32.36 0.30 -8.62
CA LYS A 110 31.98 1.44 -7.78
C LYS A 110 30.62 2.04 -8.17
N ARG A 111 29.69 1.22 -8.64
CA ARG A 111 28.41 1.72 -9.10
C ARG A 111 27.29 0.86 -8.52
N ASP A 112 26.20 1.51 -8.11
CA ASP A 112 25.05 0.82 -7.54
C ASP A 112 24.20 0.31 -8.71
N VAL A 113 24.40 -0.94 -9.11
CA VAL A 113 23.70 -1.38 -10.31
C VAL A 113 22.21 -1.46 -10.05
N VAL A 114 21.79 -1.69 -8.80
CA VAL A 114 20.36 -1.72 -8.50
C VAL A 114 19.74 -0.34 -8.72
N LYS A 115 20.40 0.70 -8.23
CA LYS A 115 19.96 2.06 -8.55
C LYS A 115 19.80 2.28 -10.06
N GLU A 116 20.82 1.90 -10.83
CA GLU A 116 20.76 2.12 -12.27
C GLU A 116 19.63 1.29 -12.91
N LEU A 117 19.38 0.10 -12.38
CA LEU A 117 18.28 -0.70 -12.96
C LEU A 117 16.92 -0.16 -12.56
N ALA A 118 16.79 0.32 -11.31
CA ALA A 118 15.56 0.98 -10.89
C ALA A 118 15.24 2.18 -11.77
N ASP A 119 16.25 3.02 -12.03
CA ASP A 119 16.08 4.19 -12.90
C ASP A 119 15.63 3.77 -14.30
N ALA A 120 16.27 2.75 -14.87
CA ALA A 120 15.92 2.29 -16.21
C ALA A 120 14.53 1.67 -16.25
N CYS A 121 14.18 0.87 -15.23
CA CYS A 121 12.84 0.28 -15.19
C CYS A 121 11.78 1.36 -15.15
N ALA A 122 11.95 2.36 -14.29
CA ALA A 122 11.01 3.47 -14.22
C ALA A 122 10.89 4.18 -15.56
N LYS A 123 12.02 4.44 -16.21
CA LYS A 123 12.01 5.11 -17.52
C LYS A 123 11.19 4.34 -18.54
N HIS A 124 11.34 3.03 -18.57
CA HIS A 124 10.67 2.21 -19.58
C HIS A 124 9.32 1.64 -19.13
N GLY A 125 8.86 1.96 -17.92
CA GLY A 125 7.57 1.46 -17.47
C GLY A 125 7.55 -0.02 -17.13
N ILE A 126 8.67 -0.55 -16.64
CA ILE A 126 8.83 -1.97 -16.29
C ILE A 126 8.86 -2.07 -14.76
N LYS A 127 8.07 -2.97 -14.20
CA LYS A 127 8.04 -3.12 -12.74
C LYS A 127 9.26 -3.87 -12.25
N LEU A 128 9.77 -3.48 -11.08
CA LEU A 128 11.02 -4.03 -10.53
C LEU A 128 10.72 -4.82 -9.26
N HIS A 129 11.05 -6.10 -9.28
CA HIS A 129 10.96 -6.99 -8.13
C HIS A 129 12.37 -7.34 -7.65
N PHE A 130 12.52 -7.51 -6.34
CA PHE A 130 13.83 -7.79 -5.72
C PHE A 130 13.85 -9.20 -5.17
N TYR A 131 14.74 -10.03 -5.70
CA TYR A 131 15.09 -11.29 -5.06
C TYR A 131 16.05 -11.01 -3.90
N TYR A 132 15.82 -11.65 -2.75
CA TYR A 132 16.66 -11.47 -1.57
C TYR A 132 16.85 -12.79 -0.84
N SER A 133 18.09 -13.18 -0.61
CA SER A 133 18.40 -14.46 0.01
C SER A 133 18.19 -14.45 1.53
N HIS A 134 17.40 -15.42 2.03
CA HIS A 134 17.30 -15.64 3.46
C HIS A 134 18.54 -16.36 4.03
N ILE A 135 19.36 -16.98 3.21
CA ILE A 135 20.57 -17.63 3.71
C ILE A 135 21.80 -16.88 3.21
N ASP A 136 22.93 -17.12 3.86
CA ASP A 136 24.13 -16.31 3.68
C ASP A 136 25.35 -17.19 3.99
N TRP A 137 26.17 -17.43 2.98
CA TRP A 137 27.37 -18.25 3.08
C TRP A 137 28.62 -17.46 3.47
N TYR A 138 28.50 -16.14 3.60
CA TYR A 138 29.63 -15.25 3.84
C TYR A 138 29.67 -14.70 5.25
N ARG A 139 28.55 -14.16 5.74
CA ARG A 139 28.54 -13.51 7.05
C ARG A 139 28.82 -14.52 8.15
N GLU A 140 29.57 -14.07 9.15
CA GLU A 140 29.86 -14.92 10.29
C GLU A 140 28.69 -15.05 11.25
N ASP A 141 27.69 -14.18 11.17
CA ASP A 141 26.53 -14.31 12.06
C ASP A 141 25.39 -15.11 11.44
N ALA A 142 25.54 -15.57 10.21
CA ALA A 142 24.47 -16.32 9.55
C ALA A 142 24.43 -17.76 10.05
N PRO A 143 23.28 -18.26 10.51
CA PRO A 143 23.22 -19.67 10.89
C PRO A 143 23.38 -20.57 9.67
N GLN A 144 24.07 -21.69 9.86
CA GLN A 144 24.21 -22.67 8.80
C GLN A 144 23.09 -23.71 8.88
N GLY A 145 22.52 -24.03 7.72
CA GLY A 145 21.66 -25.18 7.57
C GLY A 145 22.30 -26.31 6.78
N ARG A 146 21.66 -26.70 5.67
CA ARG A 146 22.17 -27.78 4.83
C ARG A 146 23.45 -27.35 4.11
N THR A 147 23.52 -26.09 3.70
CA THR A 147 24.58 -25.57 2.86
C THR A 147 25.53 -24.68 3.65
N GLY A 148 26.63 -24.31 2.99
CA GLY A 148 27.59 -23.39 3.59
C GLY A 148 28.30 -23.91 4.82
N ARG A 149 28.38 -25.20 4.98
CA ARG A 149 29.03 -25.79 6.15
C ARG A 149 30.53 -25.93 5.99
N ARG A 150 31.07 -25.67 4.81
CA ARG A 150 32.49 -25.84 4.56
C ARG A 150 33.10 -24.57 3.99
N THR A 151 32.70 -23.43 4.55
CA THR A 151 33.19 -22.12 4.13
C THR A 151 34.39 -21.65 4.91
N GLY A 152 34.75 -22.34 6.00
CA GLY A 152 35.78 -21.87 6.91
C GLY A 152 35.32 -20.88 7.96
N ARG A 153 34.02 -20.63 8.06
CA ARG A 153 33.53 -19.69 9.06
C ARG A 153 33.62 -20.25 10.48
N PRO A 154 33.72 -19.38 11.46
CA PRO A 154 33.98 -19.84 12.84
C PRO A 154 32.77 -20.36 13.60
N ASN A 155 31.56 -19.90 13.28
CA ASN A 155 30.38 -20.15 14.12
C ASN A 155 29.22 -20.75 13.34
N PRO A 156 29.14 -22.08 13.27
CA PRO A 156 28.03 -22.70 12.53
C PRO A 156 26.66 -22.27 13.01
N LYS A 157 26.57 -21.89 14.30
CA LYS A 157 25.30 -21.47 14.90
C LYS A 157 24.93 -20.06 14.50
N GLY A 158 25.92 -19.27 14.10
CA GLY A 158 25.69 -17.88 13.77
C GLY A 158 25.23 -17.12 15.02
N ASP A 159 24.60 -15.98 14.76
CA ASP A 159 24.05 -15.08 15.78
C ASP A 159 22.78 -14.52 15.15
N TRP A 160 21.67 -15.26 15.31
CA TRP A 160 20.46 -14.97 14.55
C TRP A 160 19.97 -13.56 14.81
N LYS A 161 20.05 -13.10 16.06
CA LYS A 161 19.58 -11.75 16.38
C LYS A 161 20.28 -10.70 15.53
N SER A 162 21.60 -10.81 15.41
CA SER A 162 22.38 -9.92 14.55
C SER A 162 22.04 -10.12 13.08
N TYR A 163 21.99 -11.37 12.62
CA TYR A 163 21.74 -11.62 11.20
C TYR A 163 20.34 -11.17 10.81
N TYR A 164 19.34 -11.48 11.62
CA TYR A 164 17.96 -11.09 11.29
C TYR A 164 17.82 -9.56 11.28
N GLN A 165 18.45 -8.88 12.24
CA GLN A 165 18.43 -7.41 12.20
C GLN A 165 19.14 -6.88 10.95
N PHE A 166 20.20 -7.54 10.50
CA PHE A 166 20.90 -7.14 9.27
C PHE A 166 19.98 -7.28 8.06
N MET A 167 19.26 -8.40 7.96
CA MET A 167 18.34 -8.61 6.84
C MET A 167 17.27 -7.52 6.82
N ASN A 168 16.66 -7.24 7.97
CA ASN A 168 15.58 -6.25 8.00
C ASN A 168 16.11 -4.85 7.74
N ASN A 169 17.36 -4.57 8.13
CA ASN A 169 17.96 -3.28 7.78
C ASN A 169 18.15 -3.15 6.27
N GLN A 170 18.60 -4.22 5.60
CA GLN A 170 18.76 -4.16 4.15
C GLN A 170 17.41 -4.07 3.45
N LEU A 171 16.41 -4.85 3.90
CA LEU A 171 15.08 -4.73 3.31
C LEU A 171 14.55 -3.30 3.44
N THR A 172 14.80 -2.65 4.56
CA THR A 172 14.35 -1.25 4.70
C THR A 172 15.01 -0.39 3.63
N GLU A 173 16.32 -0.58 3.39
CA GLU A 173 17.00 0.18 2.36
C GLU A 173 16.35 -0.06 1.00
N LEU A 174 16.10 -1.33 0.67
CA LEU A 174 15.62 -1.63 -0.66
C LEU A 174 14.25 -1.01 -0.89
N LEU A 175 13.45 -0.83 0.17
CA LEU A 175 12.11 -0.30 0.05
C LEU A 175 12.07 1.21 0.29
N THR A 176 13.21 1.82 0.61
CA THR A 176 13.33 3.25 0.87
C THR A 176 14.04 4.02 -0.22
N ASN A 177 15.07 3.42 -0.84
CA ASN A 177 15.98 4.17 -1.70
C ASN A 177 15.83 3.93 -3.19
N TYR A 178 14.83 3.13 -3.63
CA TYR A 178 14.78 2.74 -5.03
C TYR A 178 13.39 2.86 -5.64
N GLY A 179 12.54 3.70 -5.06
CA GLY A 179 11.24 3.93 -5.61
C GLY A 179 10.29 2.77 -5.33
N PRO A 180 9.19 2.71 -6.06
CA PRO A 180 8.22 1.63 -5.81
C PRO A 180 8.76 0.30 -6.28
N ILE A 181 8.57 -0.70 -5.43
CA ILE A 181 9.05 -2.05 -5.69
C ILE A 181 7.84 -2.96 -5.79
N GLY A 182 7.77 -3.75 -6.87
CA GLY A 182 6.61 -4.60 -7.09
C GLY A 182 6.55 -5.81 -6.16
N ALA A 183 7.69 -6.33 -5.75
CA ALA A 183 7.70 -7.56 -4.96
C ALA A 183 9.05 -7.75 -4.29
N ILE A 184 9.03 -8.39 -3.12
CA ILE A 184 10.21 -9.01 -2.51
C ILE A 184 10.03 -10.52 -2.66
N TRP A 185 11.04 -11.17 -3.19
CA TRP A 185 11.02 -12.57 -3.60
C TRP A 185 12.09 -13.27 -2.76
N PHE A 186 11.70 -13.90 -1.65
CA PHE A 186 12.61 -14.52 -0.73
C PHE A 186 12.96 -15.94 -1.20
N ASP A 187 14.13 -16.42 -0.79
CA ASP A 187 14.59 -17.75 -1.14
C ASP A 187 15.54 -18.24 -0.08
N GLY A 188 15.53 -19.57 0.15
CA GLY A 188 16.40 -20.20 1.13
C GLY A 188 15.72 -20.88 2.31
N TRP A 189 14.41 -20.70 2.55
CA TRP A 189 13.72 -21.40 3.62
C TRP A 189 14.08 -22.88 3.71
N TRP A 190 14.17 -23.53 2.55
CA TRP A 190 14.48 -24.95 2.46
C TRP A 190 15.83 -25.30 3.08
N ASP A 191 16.74 -24.32 3.20
CA ASP A 191 18.04 -24.60 3.81
C ASP A 191 17.91 -25.14 5.23
N GLN A 192 16.84 -24.77 5.93
CA GLN A 192 16.63 -25.15 7.32
C GLN A 192 15.55 -26.19 7.50
N ASP A 193 15.09 -26.82 6.43
CA ASP A 193 14.05 -27.84 6.57
C ASP A 193 14.53 -29.05 7.37
N ILE A 194 15.85 -29.19 7.60
CA ILE A 194 16.35 -30.22 8.51
C ILE A 194 16.06 -29.90 9.97
N ASN A 195 15.62 -28.67 10.26
CA ASN A 195 15.39 -28.20 11.62
C ASN A 195 13.94 -27.73 11.69
N PRO A 196 13.00 -28.64 11.97
CA PRO A 196 11.58 -28.29 11.85
C PRO A 196 11.17 -27.12 12.72
N ASP A 197 11.94 -26.81 13.76
CA ASP A 197 11.58 -25.76 14.71
C ASP A 197 12.30 -24.45 14.43
N PHE A 198 13.02 -24.34 13.32
CA PHE A 198 13.70 -23.09 13.01
C PHE A 198 12.67 -21.98 12.86
N ASP A 199 12.90 -20.87 13.54
CA ASP A 199 11.97 -19.73 13.55
C ASP A 199 12.56 -18.66 12.64
N TRP A 200 11.97 -18.50 11.46
CA TRP A 200 12.40 -17.45 10.53
C TRP A 200 11.82 -16.09 10.89
N GLU A 201 10.88 -16.04 11.83
CA GLU A 201 10.27 -14.76 12.25
C GLU A 201 9.71 -14.03 11.02
N LEU A 202 8.94 -14.76 10.21
CA LEU A 202 8.43 -14.18 8.96
C LEU A 202 7.30 -13.18 9.17
N PRO A 203 6.37 -13.37 10.13
CA PRO A 203 5.33 -12.33 10.32
C PRO A 203 5.92 -10.94 10.50
N GLU A 204 6.94 -10.80 11.35
CA GLU A 204 7.51 -9.47 11.58
C GLU A 204 8.17 -8.93 10.30
N GLN A 205 8.81 -9.80 9.54
CA GLN A 205 9.52 -9.35 8.35
C GLN A 205 8.57 -9.02 7.22
N TYR A 206 7.55 -9.86 7.00
CA TYR A 206 6.53 -9.54 6.01
C TYR A 206 5.80 -8.24 6.39
N ALA A 207 5.55 -8.05 7.68
CA ALA A 207 4.87 -6.82 8.13
C ALA A 207 5.70 -5.60 7.84
N LEU A 208 7.04 -5.69 7.98
CA LEU A 208 7.90 -4.56 7.65
C LEU A 208 7.73 -4.18 6.20
N ILE A 209 7.71 -5.17 5.30
CA ILE A 209 7.58 -4.89 3.88
C ILE A 209 6.25 -4.21 3.60
N HIS A 210 5.16 -4.74 4.16
CA HIS A 210 3.84 -4.19 3.90
C HIS A 210 3.67 -2.84 4.59
N ARG A 211 4.39 -2.62 5.68
CA ARG A 211 4.32 -1.32 6.35
C ARG A 211 4.93 -0.22 5.49
N LEU A 212 6.09 -0.50 4.86
CA LEU A 212 6.79 0.53 4.10
C LEU A 212 6.22 0.70 2.71
N GLN A 213 5.76 -0.38 2.09
CA GLN A 213 5.14 -0.29 0.76
C GLN A 213 3.97 -1.25 0.72
N PRO A 214 2.77 -0.78 1.09
CA PRO A 214 1.61 -1.68 1.12
C PRO A 214 1.37 -2.43 -0.17
N ALA A 215 1.63 -1.82 -1.33
CA ALA A 215 1.39 -2.49 -2.60
C ALA A 215 2.47 -3.52 -2.96
N CYS A 216 3.55 -3.62 -2.19
CA CYS A 216 4.60 -4.58 -2.51
C CYS A 216 4.16 -6.00 -2.18
N LEU A 217 4.33 -6.92 -3.13
CA LEU A 217 3.95 -8.30 -2.95
C LEU A 217 5.08 -9.11 -2.30
N VAL A 218 4.72 -10.04 -1.42
CA VAL A 218 5.68 -10.88 -0.74
C VAL A 218 5.60 -12.30 -1.28
N GLY A 219 6.75 -12.82 -1.75
CA GLY A 219 6.86 -14.20 -2.16
C GLY A 219 7.97 -14.89 -1.38
N ASN A 220 7.80 -16.18 -1.18
CA ASN A 220 8.82 -16.98 -0.48
C ASN A 220 8.92 -18.34 -1.16
N ASN A 221 10.10 -18.63 -1.72
CA ASN A 221 10.32 -19.88 -2.47
C ASN A 221 10.64 -21.04 -1.52
N HIS A 222 9.65 -21.39 -0.72
CA HIS A 222 9.82 -22.46 0.28
C HIS A 222 9.24 -23.79 -0.17
N HIS A 223 8.55 -23.84 -1.32
CA HIS A 223 7.95 -25.06 -1.82
C HIS A 223 6.87 -25.61 -0.88
N GLN A 224 6.33 -24.78 -0.02
CA GLN A 224 5.30 -25.15 0.95
C GLN A 224 3.98 -24.47 0.62
N THR A 225 2.93 -24.88 1.35
CA THR A 225 1.72 -24.09 1.40
C THR A 225 2.10 -22.70 1.89
N PRO A 226 1.60 -21.63 1.28
CA PRO A 226 2.09 -20.30 1.64
C PRO A 226 1.79 -19.94 3.08
N PHE A 227 2.75 -19.28 3.73
CA PHE A 227 2.58 -18.75 5.07
C PHE A 227 1.77 -17.46 5.03
N ALA A 228 1.03 -17.20 6.10
CA ALA A 228 0.27 -15.96 6.22
C ALA A 228 1.21 -14.77 6.03
N GLY A 229 0.77 -13.79 5.23
CA GLY A 229 1.57 -12.63 4.90
C GLY A 229 2.17 -12.65 3.49
N GLU A 230 2.26 -13.83 2.86
CA GLU A 230 2.67 -13.89 1.47
C GLU A 230 1.51 -13.53 0.54
N ASP A 231 1.84 -12.87 -0.57
CA ASP A 231 0.90 -12.41 -1.56
C ASP A 231 0.98 -13.13 -2.90
N ILE A 232 2.03 -13.91 -3.14
CA ILE A 232 2.13 -14.75 -4.33
C ILE A 232 2.65 -16.10 -3.90
N GLN A 233 2.40 -17.11 -4.74
CA GLN A 233 2.91 -18.46 -4.54
C GLN A 233 3.86 -18.81 -5.69
N ILE A 234 5.04 -19.28 -5.34
CA ILE A 234 6.10 -19.63 -6.31
C ILE A 234 6.14 -21.13 -6.49
N PHE A 235 6.24 -21.56 -7.76
CA PHE A 235 6.58 -22.92 -8.16
C PHE A 235 7.89 -22.91 -8.94
N GLU A 236 8.87 -23.68 -8.48
CA GLU A 236 10.20 -23.66 -9.07
C GLU A 236 10.35 -24.76 -10.13
N ARG A 237 10.62 -24.33 -11.36
CA ARG A 237 10.88 -25.19 -12.53
C ARG A 237 9.72 -26.13 -12.88
N ASP A 238 8.48 -25.78 -12.51
CA ASP A 238 7.34 -26.64 -12.80
C ASP A 238 6.09 -25.80 -12.83
N LEU A 239 5.19 -26.10 -13.78
CA LEU A 239 3.83 -25.57 -13.73
C LEU A 239 3.20 -25.88 -12.36
N PRO A 240 2.27 -25.07 -11.89
CA PRO A 240 1.52 -25.44 -10.67
C PRO A 240 0.82 -26.77 -10.84
N GLY A 241 0.86 -27.58 -9.81
CA GLY A 241 0.32 -28.93 -9.87
C GLY A 241 1.22 -29.96 -10.48
N GLU A 242 2.33 -29.55 -11.11
CA GLU A 242 3.26 -30.45 -11.75
C GLU A 242 4.55 -30.54 -10.96
N ASN A 243 5.29 -31.62 -11.16
CA ASN A 243 6.47 -31.90 -10.34
C ASN A 243 7.53 -32.68 -11.11
N THR A 244 7.72 -32.35 -12.40
CA THR A 244 8.70 -33.08 -13.21
C THR A 244 10.13 -32.82 -12.74
N ALA A 245 10.40 -31.65 -12.16
CA ALA A 245 11.74 -31.27 -11.71
C ALA A 245 12.04 -31.68 -10.26
N GLY A 246 11.05 -32.17 -9.52
CA GLY A 246 11.25 -32.63 -8.16
C GLY A 246 11.33 -31.55 -7.11
N LEU A 247 10.98 -30.29 -7.44
CA LEU A 247 11.02 -29.19 -6.49
C LEU A 247 9.63 -28.66 -6.12
N SER A 248 8.53 -29.28 -6.63
CA SER A 248 7.18 -28.70 -6.54
C SER A 248 6.11 -29.77 -6.22
N GLY A 249 6.10 -30.25 -4.98
CA GLY A 249 5.05 -31.14 -4.53
C GLY A 249 3.96 -30.49 -3.71
N GLN A 250 3.94 -29.16 -3.61
CA GLN A 250 3.04 -28.45 -2.70
C GLN A 250 1.72 -28.14 -3.38
N SER A 251 0.66 -28.03 -2.58
CA SER A 251 -0.65 -27.78 -3.13
C SER A 251 -0.78 -26.34 -3.62
N VAL A 252 -1.71 -26.15 -4.54
CA VAL A 252 -1.92 -24.87 -5.21
C VAL A 252 -2.91 -24.03 -4.40
N SER A 253 -2.46 -22.86 -3.98
CA SER A 253 -3.25 -21.97 -3.14
C SER A 253 -4.10 -21.02 -3.98
N HIS A 254 -4.74 -20.06 -3.32
CA HIS A 254 -5.54 -19.02 -3.95
C HIS A 254 -4.77 -17.75 -4.26
N LEU A 255 -3.51 -17.65 -3.85
CA LEU A 255 -2.69 -16.49 -4.14
C LEU A 255 -2.31 -16.50 -5.62
N PRO A 256 -1.92 -15.35 -6.16
CA PRO A 256 -1.41 -15.33 -7.54
C PRO A 256 -0.22 -16.29 -7.70
N LEU A 257 -0.24 -17.05 -8.78
CA LEU A 257 0.77 -18.07 -9.02
C LEU A 257 1.86 -17.54 -9.96
N GLU A 258 3.10 -18.01 -9.75
CA GLU A 258 4.22 -17.69 -10.59
C GLU A 258 5.17 -18.89 -10.69
N THR A 259 5.51 -19.29 -11.91
CA THR A 259 6.50 -20.34 -12.14
C THR A 259 7.74 -19.72 -12.76
N CYS A 260 8.91 -20.21 -12.37
CA CYS A 260 10.17 -19.72 -12.90
C CYS A 260 10.89 -20.83 -13.67
N GLU A 261 11.60 -20.43 -14.74
CA GLU A 261 12.29 -21.33 -15.66
C GLU A 261 13.58 -20.65 -16.12
N THR A 262 14.50 -21.44 -16.64
CA THR A 262 15.75 -20.93 -17.22
C THR A 262 15.67 -21.02 -18.74
N MET A 263 16.36 -20.10 -19.42
CA MET A 263 16.44 -20.15 -20.86
C MET A 263 17.40 -21.20 -21.33
N ASN A 264 18.52 -21.33 -20.64
CA ASN A 264 19.45 -22.45 -20.81
C ASN A 264 19.29 -23.32 -19.57
N GLY A 265 20.36 -23.92 -19.09
CA GLY A 265 20.22 -24.76 -17.92
C GLY A 265 20.48 -24.13 -16.57
N MET A 266 21.01 -22.91 -16.50
CA MET A 266 21.40 -22.38 -15.21
C MET A 266 20.82 -21.00 -14.97
N TRP A 267 20.86 -20.61 -13.71
CA TRP A 267 20.37 -19.31 -13.27
C TRP A 267 21.49 -18.29 -13.43
N GLY A 268 22.54 -18.44 -12.64
CA GLY A 268 23.72 -17.63 -12.85
C GLY A 268 24.48 -18.00 -14.12
N TYR A 269 25.24 -17.04 -14.63
CA TYR A 269 25.97 -17.26 -15.88
C TYR A 269 26.90 -18.49 -15.78
N LYS A 270 26.86 -19.33 -16.81
CA LYS A 270 27.69 -20.52 -16.91
C LYS A 270 28.32 -20.57 -18.30
N ILE A 271 29.65 -20.53 -18.35
CA ILE A 271 30.35 -20.44 -19.62
C ILE A 271 30.27 -21.75 -20.41
N THR A 272 30.11 -22.90 -19.75
CA THR A 272 29.94 -24.13 -20.52
C THR A 272 28.57 -24.21 -21.16
N ASP A 273 27.57 -23.62 -20.50
CA ASP A 273 26.14 -23.83 -20.81
C ASP A 273 25.68 -22.86 -21.87
N GLN A 274 25.76 -23.30 -23.14
CA GLN A 274 25.39 -22.46 -24.26
C GLN A 274 24.30 -23.13 -25.11
N ASN A 275 23.48 -23.94 -24.49
CA ASN A 275 22.39 -24.62 -25.17
C ASN A 275 21.11 -23.89 -24.77
N TYR A 276 20.69 -22.93 -25.58
CA TYR A 276 19.53 -22.12 -25.27
C TYR A 276 18.29 -22.77 -25.88
N LYS A 277 17.23 -22.83 -25.08
CA LYS A 277 15.97 -23.39 -25.58
C LYS A 277 15.50 -22.57 -26.77
N SER A 278 14.79 -23.22 -27.66
CA SER A 278 14.28 -22.54 -28.85
C SER A 278 13.22 -21.51 -28.47
N THR A 279 13.05 -20.52 -29.35
CA THR A 279 11.98 -19.55 -29.19
C THR A 279 10.63 -20.24 -29.01
N LYS A 280 10.37 -21.29 -29.80
CA LYS A 280 9.09 -22.01 -29.69
C LYS A 280 8.89 -22.61 -28.31
N THR A 281 9.94 -23.20 -27.75
CA THR A 281 9.86 -23.76 -26.40
C THR A 281 9.56 -22.69 -25.37
N LEU A 282 10.22 -21.52 -25.48
CA LEU A 282 10.00 -20.42 -24.56
C LEU A 282 8.58 -19.87 -24.66
N ILE A 283 8.04 -19.73 -25.89
CA ILE A 283 6.65 -19.30 -26.03
C ILE A 283 5.72 -20.34 -25.41
N HIS A 284 5.98 -21.61 -25.63
CA HIS A 284 5.16 -22.66 -24.99
C HIS A 284 5.19 -22.56 -23.49
N TYR A 285 6.35 -22.28 -22.90
CA TYR A 285 6.42 -22.09 -21.45
C TYR A 285 5.47 -20.98 -20.99
N LEU A 286 5.51 -19.83 -21.69
CA LEU A 286 4.68 -18.71 -21.30
C LEU A 286 3.20 -19.04 -21.44
N VAL A 287 2.82 -19.66 -22.56
CA VAL A 287 1.41 -19.94 -22.82
C VAL A 287 0.87 -20.98 -21.86
N LYS A 288 1.64 -22.05 -21.61
CA LYS A 288 1.22 -23.10 -20.68
C LYS A 288 1.06 -22.54 -19.27
N ALA A 289 1.99 -21.68 -18.84
CA ALA A 289 1.86 -21.02 -17.54
C ALA A 289 0.56 -20.23 -17.47
N ALA A 290 0.31 -19.37 -18.46
CA ALA A 290 -0.92 -18.57 -18.47
C ALA A 290 -2.16 -19.46 -18.45
N GLY A 291 -2.13 -20.58 -19.17
CA GLY A 291 -3.25 -21.47 -19.19
C GLY A 291 -3.51 -22.15 -17.87
N LYS A 292 -2.51 -22.19 -17.00
CA LYS A 292 -2.62 -22.70 -15.64
C LYS A 292 -2.82 -21.58 -14.62
N ASP A 293 -3.21 -20.39 -15.08
CA ASP A 293 -3.43 -19.23 -14.18
C ASP A 293 -2.14 -18.81 -13.46
N ALA A 294 -1.00 -18.88 -14.17
CA ALA A 294 0.29 -18.57 -13.59
C ALA A 294 1.07 -17.59 -14.45
N ASN A 295 1.84 -16.73 -13.79
CA ASN A 295 2.85 -15.93 -14.48
C ASN A 295 4.08 -16.80 -14.79
N LEU A 296 4.86 -16.38 -15.79
CA LEU A 296 6.14 -17.01 -16.10
C LEU A 296 7.26 -16.03 -15.81
N LEU A 297 8.24 -16.46 -15.01
CA LEU A 297 9.46 -15.68 -14.76
C LEU A 297 10.61 -16.44 -15.45
N MET A 298 11.10 -15.87 -16.57
N MET A 298 11.09 -15.90 -16.58
CA MET A 298 12.11 -16.48 -17.43
CA MET A 298 12.10 -16.57 -17.39
C MET A 298 13.47 -15.90 -17.12
C MET A 298 13.46 -15.93 -17.12
N ASN A 299 14.45 -16.76 -16.84
CA ASN A 299 15.71 -16.26 -16.29
C ASN A 299 16.79 -16.06 -17.36
N ILE A 300 17.63 -15.06 -17.13
CA ILE A 300 18.88 -14.83 -17.84
C ILE A 300 19.98 -14.61 -16.81
N GLY A 301 21.17 -15.17 -17.08
CA GLY A 301 22.33 -14.97 -16.24
C GLY A 301 23.36 -14.05 -16.92
N PRO A 302 23.43 -12.78 -16.50
CA PRO A 302 24.32 -11.85 -17.18
C PRO A 302 25.79 -12.23 -17.00
N GLN A 303 26.57 -11.82 -17.97
CA GLN A 303 27.98 -12.12 -18.06
C GLN A 303 28.79 -11.25 -17.11
N PRO A 304 30.01 -11.68 -16.76
CA PRO A 304 30.87 -10.85 -15.89
C PRO A 304 31.41 -9.61 -16.57
N ASP A 305 31.28 -9.48 -17.89
CA ASP A 305 31.56 -8.22 -18.57
C ASP A 305 30.35 -7.28 -18.60
N GLY A 306 29.23 -7.68 -18.02
CA GLY A 306 28.07 -6.81 -17.91
C GLY A 306 27.06 -6.88 -19.03
N GLU A 307 27.27 -7.73 -20.04
CA GLU A 307 26.30 -7.84 -21.11
C GLU A 307 25.37 -9.03 -20.87
N LEU A 308 24.13 -8.86 -21.28
CA LEU A 308 23.23 -10.00 -21.38
C LEU A 308 23.70 -10.92 -22.50
N PRO A 309 23.71 -12.23 -22.28
CA PRO A 309 24.08 -13.15 -23.37
C PRO A 309 23.36 -12.83 -24.66
N GLU A 310 24.17 -12.68 -25.71
CA GLU A 310 23.67 -12.36 -27.03
C GLU A 310 22.55 -13.29 -27.48
N VAL A 311 22.70 -14.59 -27.27
CA VAL A 311 21.66 -15.50 -27.73
C VAL A 311 20.37 -15.27 -26.94
N ALA A 312 20.46 -15.03 -25.62
CA ALA A 312 19.27 -14.73 -24.83
C ALA A 312 18.57 -13.47 -25.34
N VAL A 313 19.35 -12.46 -25.74
CA VAL A 313 18.77 -11.21 -26.23
C VAL A 313 17.99 -11.45 -27.52
N GLN A 314 18.54 -12.25 -28.43
CA GLN A 314 17.81 -12.61 -29.65
C GLN A 314 16.54 -13.40 -29.35
N ARG A 315 16.61 -14.37 -28.43
CA ARG A 315 15.43 -15.13 -28.04
C ARG A 315 14.37 -14.18 -27.48
N LEU A 316 14.77 -13.28 -26.58
CA LEU A 316 13.82 -12.27 -26.10
C LEU A 316 13.17 -11.51 -27.26
N LYS A 317 13.98 -11.11 -28.22
CA LYS A 317 13.45 -10.32 -29.35
C LYS A 317 12.40 -11.12 -30.11
N GLU A 318 12.67 -12.41 -30.36
CA GLU A 318 11.73 -13.23 -31.13
C GLU A 318 10.49 -13.59 -30.31
N VAL A 319 10.64 -13.84 -29.01
CA VAL A 319 9.46 -13.95 -28.15
C VAL A 319 8.61 -12.68 -28.26
N GLY A 320 9.25 -11.51 -28.29
CA GLY A 320 8.52 -10.25 -28.41
C GLY A 320 7.83 -10.05 -29.74
N GLU A 321 8.41 -10.56 -30.82
CA GLU A 321 7.70 -10.55 -32.10
C GLU A 321 6.41 -11.35 -31.98
N TRP A 322 6.46 -12.50 -31.31
CA TRP A 322 5.24 -13.28 -31.12
C TRP A 322 4.24 -12.52 -30.25
N MET A 323 4.72 -11.90 -29.17
CA MET A 323 3.83 -11.15 -28.27
C MET A 323 3.19 -9.95 -28.98
N SER A 324 3.91 -9.30 -29.91
CA SER A 324 3.33 -8.19 -30.66
C SER A 324 2.06 -8.64 -31.40
N LYS A 325 2.00 -9.91 -31.83
CA LYS A 325 0.85 -10.43 -32.54
C LYS A 325 -0.17 -11.07 -31.60
N TYR A 326 0.28 -11.83 -30.59
CA TYR A 326 -0.62 -12.64 -29.77
C TYR A 326 -0.78 -12.16 -28.34
N GLY A 327 -0.10 -11.08 -27.94
CA GLY A 327 -0.12 -10.68 -26.55
C GLY A 327 -1.51 -10.47 -25.96
N GLU A 328 -2.47 -10.05 -26.79
CA GLU A 328 -3.84 -9.84 -26.30
C GLU A 328 -4.44 -11.13 -25.74
N THR A 329 -3.93 -12.30 -26.16
CA THR A 329 -4.39 -13.59 -25.68
C THR A 329 -3.71 -14.03 -24.38
N ILE A 330 -2.79 -13.21 -23.86
CA ILE A 330 -2.03 -13.54 -22.64
C ILE A 330 -2.22 -12.45 -21.61
N TYR A 331 -1.93 -11.21 -21.98
CA TYR A 331 -2.07 -10.10 -21.05
C TYR A 331 -3.51 -9.98 -20.58
N GLY A 332 -3.67 -9.69 -19.29
CA GLY A 332 -4.99 -9.44 -18.72
C GLY A 332 -5.85 -10.69 -18.54
N THR A 333 -5.33 -11.88 -18.88
CA THR A 333 -6.11 -13.11 -18.81
C THR A 333 -5.90 -13.85 -17.49
N ARG A 334 -6.78 -14.82 -17.24
CA ARG A 334 -6.66 -15.79 -16.15
C ARG A 334 -6.76 -17.16 -16.79
N GLY A 335 -6.40 -18.20 -16.03
CA GLY A 335 -6.50 -19.55 -16.54
C GLY A 335 -7.91 -19.82 -17.05
N GLY A 336 -8.03 -20.51 -18.16
CA GLY A 336 -9.30 -20.59 -18.85
C GLY A 336 -10.21 -21.70 -18.34
N LEU A 337 -11.45 -21.61 -18.76
CA LEU A 337 -12.50 -22.57 -18.45
C LEU A 337 -12.04 -24.00 -18.72
N VAL A 338 -11.31 -24.21 -19.80
CA VAL A 338 -10.86 -25.54 -20.19
C VAL A 338 -9.44 -25.72 -19.67
N ALA A 339 -9.27 -26.75 -18.84
CA ALA A 339 -8.01 -27.05 -18.19
C ALA A 339 -6.97 -27.50 -19.22
N PRO A 340 -5.69 -27.39 -18.87
CA PRO A 340 -4.64 -27.80 -19.81
C PRO A 340 -4.87 -29.23 -20.29
N HIS A 341 -4.60 -29.43 -21.58
CA HIS A 341 -4.66 -30.74 -22.23
C HIS A 341 -3.33 -30.99 -22.92
N ASP A 342 -3.18 -32.20 -23.49
CA ASP A 342 -2.00 -32.47 -24.31
C ASP A 342 -1.92 -31.57 -25.56
N TRP A 343 -3.05 -31.12 -26.09
CA TRP A 343 -3.01 -30.28 -27.28
C TRP A 343 -2.71 -28.79 -26.99
N GLY A 344 -2.76 -28.37 -25.76
CA GLY A 344 -2.64 -26.95 -25.45
C GLY A 344 -3.45 -26.60 -24.22
N VAL A 345 -3.83 -25.31 -24.12
CA VAL A 345 -4.41 -24.72 -22.92
C VAL A 345 -5.41 -23.65 -23.34
N THR A 346 -6.16 -23.11 -22.38
CA THR A 346 -7.02 -21.96 -22.63
C THR A 346 -6.74 -20.87 -21.61
N THR A 347 -6.96 -19.62 -22.04
CA THR A 347 -6.92 -18.43 -21.21
C THR A 347 -8.20 -17.66 -21.49
N GLN A 348 -8.62 -16.84 -20.53
CA GLN A 348 -9.86 -16.11 -20.70
C GLN A 348 -9.75 -14.69 -20.16
N LYS A 349 -10.55 -13.81 -20.76
CA LYS A 349 -10.64 -12.39 -20.40
C LYS A 349 -11.98 -11.90 -20.91
N GLY A 350 -12.74 -11.21 -20.06
CA GLY A 350 -14.03 -10.70 -20.47
C GLY A 350 -14.92 -11.82 -20.97
N ASN A 351 -15.41 -11.66 -22.20
CA ASN A 351 -16.27 -12.65 -22.84
C ASN A 351 -15.51 -13.52 -23.84
N LYS A 352 -14.19 -13.60 -23.74
CA LYS A 352 -13.36 -14.32 -24.69
C LYS A 352 -12.66 -15.48 -24.01
N LEU A 353 -12.74 -16.66 -24.63
CA LEU A 353 -11.93 -17.81 -24.27
C LEU A 353 -10.95 -18.07 -25.42
N TYR A 354 -9.66 -17.90 -25.15
CA TYR A 354 -8.63 -18.14 -26.14
C TYR A 354 -8.15 -19.58 -26.04
N VAL A 355 -8.32 -20.32 -27.12
CA VAL A 355 -7.93 -21.72 -27.19
C VAL A 355 -6.57 -21.80 -27.86
N HIS A 356 -5.54 -22.09 -27.07
CA HIS A 356 -4.14 -22.09 -27.51
C HIS A 356 -3.79 -23.50 -28.00
N ILE A 357 -3.82 -23.71 -29.31
CA ILE A 357 -3.53 -25.03 -29.87
C ILE A 357 -2.03 -25.10 -30.12
N LEU A 358 -1.32 -25.84 -29.25
CA LEU A 358 0.13 -25.96 -29.31
C LEU A 358 0.64 -27.25 -29.93
N ASN A 359 -0.16 -28.31 -29.91
CA ASN A 359 0.31 -29.65 -30.25
C ASN A 359 -0.87 -30.50 -30.73
N LEU A 360 -1.27 -30.35 -31.98
CA LEU A 360 -2.45 -31.03 -32.50
C LEU A 360 -2.13 -31.62 -33.87
N GLN A 361 -2.41 -32.92 -34.04
CA GLN A 361 -2.24 -33.62 -35.30
C GLN A 361 -3.51 -33.73 -36.15
N ASP A 362 -4.66 -33.28 -35.66
CA ASP A 362 -5.91 -33.42 -36.37
C ASP A 362 -6.38 -32.07 -36.92
N LYS A 363 -7.37 -32.14 -37.80
CA LYS A 363 -8.05 -30.96 -38.35
C LYS A 363 -9.32 -30.61 -37.58
N ALA A 364 -9.49 -31.14 -36.37
CA ALA A 364 -10.65 -30.82 -35.54
C ALA A 364 -10.22 -30.96 -34.09
N LEU A 365 -11.00 -30.33 -33.22
CA LEU A 365 -10.64 -30.23 -31.80
C LEU A 365 -11.92 -30.28 -30.98
N PHE A 366 -12.03 -31.29 -30.14
CA PHE A 366 -13.11 -31.37 -29.18
C PHE A 366 -12.75 -30.57 -27.94
N LEU A 367 -13.74 -29.81 -27.44
CA LEU A 367 -13.55 -28.99 -26.25
C LEU A 367 -14.70 -29.27 -25.29
N PRO A 368 -14.42 -29.59 -24.03
CA PRO A 368 -15.52 -29.93 -23.10
C PRO A 368 -16.19 -28.69 -22.50
N ILE A 369 -16.84 -27.90 -23.35
CA ILE A 369 -17.57 -26.70 -22.95
C ILE A 369 -19.05 -27.06 -23.02
N VAL A 370 -19.65 -27.30 -21.87
CA VAL A 370 -21.01 -27.83 -21.80
C VAL A 370 -21.97 -26.85 -21.13
N ASP A 371 -21.58 -26.31 -19.97
CA ASP A 371 -22.45 -25.36 -19.29
C ASP A 371 -22.68 -24.12 -20.15
N LYS A 372 -21.59 -23.55 -20.67
CA LYS A 372 -21.61 -22.25 -21.31
C LYS A 372 -21.88 -22.40 -22.80
N LYS A 373 -22.60 -21.42 -23.35
CA LYS A 373 -22.89 -21.37 -24.77
C LYS A 373 -21.75 -20.65 -25.48
N VAL A 374 -21.28 -21.23 -26.58
CA VAL A 374 -20.27 -20.63 -27.44
C VAL A 374 -21.01 -19.89 -28.55
N LYS A 375 -20.90 -18.57 -28.54
CA LYS A 375 -21.63 -17.76 -29.51
C LYS A 375 -20.92 -17.73 -30.87
N LYS A 376 -19.59 -17.76 -30.85
CA LYS A 376 -18.79 -17.52 -32.04
C LYS A 376 -17.38 -18.10 -31.84
N ALA A 377 -16.76 -18.51 -32.95
CA ALA A 377 -15.39 -19.02 -32.96
C ALA A 377 -14.68 -18.50 -34.20
N VAL A 378 -13.49 -17.93 -34.02
CA VAL A 378 -12.70 -17.38 -35.11
C VAL A 378 -11.23 -17.67 -34.85
N VAL A 379 -10.45 -17.68 -35.93
CA VAL A 379 -9.00 -17.76 -35.80
C VAL A 379 -8.52 -16.40 -35.30
N PHE A 380 -7.84 -16.39 -34.16
CA PHE A 380 -7.49 -15.11 -33.54
C PHE A 380 -6.69 -14.23 -34.50
N ALA A 381 -5.78 -14.81 -35.26
CA ALA A 381 -4.81 -14.01 -36.00
C ALA A 381 -5.42 -13.24 -37.17
N ASP A 382 -6.43 -13.80 -37.84
CA ASP A 382 -7.06 -13.11 -38.97
C ASP A 382 -8.57 -13.05 -38.84
N LYS A 383 -9.12 -13.45 -37.70
CA LYS A 383 -10.57 -13.39 -37.43
C LYS A 383 -11.37 -14.21 -38.42
N THR A 384 -10.76 -15.22 -39.01
CA THR A 384 -11.50 -16.06 -39.96
C THR A 384 -12.40 -17.01 -39.17
N PRO A 385 -13.67 -17.13 -39.53
CA PRO A 385 -14.59 -17.99 -38.78
C PRO A 385 -14.15 -19.44 -38.75
N VAL A 386 -14.42 -20.09 -37.63
CA VAL A 386 -14.17 -21.51 -37.43
C VAL A 386 -15.53 -22.14 -37.15
N ARG A 387 -15.93 -23.08 -37.99
CA ARG A 387 -17.22 -23.73 -37.79
C ARG A 387 -17.10 -24.74 -36.66
N PHE A 388 -18.18 -24.91 -35.91
CA PHE A 388 -18.18 -25.90 -34.84
C PHE A 388 -19.58 -26.45 -34.66
N THR A 389 -19.66 -27.64 -34.09
CA THR A 389 -20.90 -28.33 -33.80
C THR A 389 -20.97 -28.65 -32.31
N LYS A 390 -22.19 -28.83 -31.80
CA LYS A 390 -22.41 -29.16 -30.40
C LYS A 390 -22.67 -30.64 -30.27
N ASN A 391 -22.19 -31.23 -29.18
CA ASN A 391 -22.60 -32.59 -28.82
C ASN A 391 -22.81 -32.60 -27.32
N LYS A 392 -23.27 -33.74 -26.79
CA LYS A 392 -23.69 -33.72 -25.39
C LYS A 392 -22.52 -33.42 -24.46
N GLU A 393 -21.28 -33.68 -24.89
CA GLU A 393 -20.13 -33.45 -24.01
C GLU A 393 -19.41 -32.15 -24.30
N GLY A 394 -19.84 -31.39 -25.32
CA GLY A 394 -19.17 -30.12 -25.59
C GLY A 394 -19.31 -29.68 -27.04
N ILE A 395 -18.23 -29.16 -27.63
CA ILE A 395 -18.25 -28.76 -29.03
C ILE A 395 -17.05 -29.36 -29.75
N VAL A 396 -17.13 -29.34 -31.09
CA VAL A 396 -16.04 -29.78 -31.94
C VAL A 396 -15.74 -28.70 -32.96
N LEU A 397 -14.54 -28.14 -32.88
CA LEU A 397 -14.09 -27.17 -33.86
C LEU A 397 -13.62 -27.88 -35.12
N GLU A 398 -13.95 -27.29 -36.26
CA GLU A 398 -13.53 -27.79 -37.57
C GLU A 398 -12.46 -26.84 -38.08
N LEU A 399 -11.24 -27.32 -38.18
CA LEU A 399 -10.11 -26.45 -38.51
C LEU A 399 -9.80 -26.50 -40.01
N ALA A 400 -9.24 -25.39 -40.51
CA ALA A 400 -8.93 -25.30 -41.93
C ALA A 400 -7.75 -26.18 -42.35
N LYS A 401 -6.89 -26.56 -41.40
CA LYS A 401 -5.70 -27.37 -41.65
C LYS A 401 -5.27 -28.01 -40.34
N VAL A 402 -4.34 -28.96 -40.43
CA VAL A 402 -3.63 -29.41 -39.24
C VAL A 402 -2.71 -28.27 -38.80
N PRO A 403 -2.90 -27.71 -37.61
CA PRO A 403 -2.05 -26.58 -37.19
C PRO A 403 -0.60 -26.98 -37.01
N THR A 404 0.31 -26.17 -37.57
CA THR A 404 1.76 -26.29 -37.30
C THR A 404 2.36 -25.04 -36.69
N ASP A 405 1.56 -24.01 -36.44
CA ASP A 405 2.05 -22.81 -35.76
C ASP A 405 2.59 -23.14 -34.38
N VAL A 406 3.47 -22.26 -33.90
CA VAL A 406 3.87 -22.30 -32.49
C VAL A 406 2.64 -22.33 -31.59
N ASP A 407 1.67 -21.44 -31.88
CA ASP A 407 0.42 -21.42 -31.13
C ASP A 407 -0.68 -20.97 -32.09
N TYR A 408 -1.54 -21.90 -32.49
CA TYR A 408 -2.67 -21.62 -33.38
C TYR A 408 -3.85 -21.29 -32.48
N VAL A 409 -4.12 -20.00 -32.31
CA VAL A 409 -5.10 -19.57 -31.31
C VAL A 409 -6.48 -19.48 -31.95
N VAL A 410 -7.48 -20.05 -31.30
CA VAL A 410 -8.87 -19.90 -31.69
C VAL A 410 -9.59 -19.10 -30.60
N GLU A 411 -10.21 -18.00 -31.02
CA GLU A 411 -10.92 -17.09 -30.14
C GLU A 411 -12.40 -17.44 -30.09
N LEU A 412 -12.85 -17.91 -28.94
CA LEU A 412 -14.27 -18.16 -28.69
C LEU A 412 -14.90 -17.00 -27.94
N THR A 413 -16.12 -16.66 -28.31
CA THR A 413 -16.93 -15.69 -27.58
C THR A 413 -17.96 -16.44 -26.74
N ILE A 414 -17.92 -16.24 -25.42
CA ILE A 414 -18.87 -16.83 -24.46
C ILE A 414 -19.70 -15.68 -23.89
N ASP A 415 -20.64 -15.98 -22.99
CA ASP A 415 -21.37 -14.90 -22.29
C ASP A 415 -21.54 -15.10 -20.78
N LYS B 4 14.18 23.48 4.59
CA LYS B 4 15.17 22.42 4.77
C LYS B 4 14.46 21.06 4.64
N TYR B 5 13.15 21.04 4.87
CA TYR B 5 12.37 19.81 4.73
C TYR B 5 12.06 19.53 3.26
N GLN B 6 12.34 18.31 2.81
CA GLN B 6 12.04 17.88 1.43
C GLN B 6 11.10 16.67 1.46
N PRO B 7 9.79 16.86 1.28
CA PRO B 7 8.90 15.70 1.27
C PRO B 7 9.31 14.69 0.21
N THR B 8 9.19 13.41 0.55
CA THR B 8 9.48 12.39 -0.46
C THR B 8 8.28 12.22 -1.40
N GLU B 9 8.55 11.57 -2.52
CA GLU B 9 7.49 11.30 -3.50
C GLU B 9 6.33 10.60 -2.82
N ALA B 10 6.63 9.57 -2.02
CA ALA B 10 5.55 8.83 -1.34
C ALA B 10 4.75 9.75 -0.44
N ASN B 11 5.42 10.69 0.25
CA ASN B 11 4.69 11.64 1.09
C ASN B 11 3.79 12.54 0.24
N LEU B 12 4.33 13.05 -0.88
CA LEU B 12 3.55 13.97 -1.71
C LEU B 12 2.34 13.26 -2.30
N LYS B 13 2.51 12.01 -2.73
CA LYS B 13 1.37 11.22 -3.16
C LYS B 13 0.35 11.04 -2.03
N ALA B 14 0.83 10.86 -0.81
CA ALA B 14 -0.08 10.71 0.31
C ALA B 14 -0.86 12.00 0.54
N ARG B 15 -0.21 13.14 0.40
CA ARG B 15 -0.93 14.41 0.60
C ARG B 15 -2.08 14.54 -0.37
N SER B 16 -1.85 14.20 -1.64
CA SER B 16 -2.90 14.31 -2.64
C SER B 16 -4.01 13.30 -2.37
N GLU B 17 -3.67 12.09 -1.94
CA GLU B 17 -4.70 11.11 -1.59
C GLU B 17 -5.54 11.63 -0.43
N PHE B 18 -4.91 12.21 0.58
CA PHE B 18 -5.62 12.81 1.71
C PHE B 18 -6.64 13.83 1.21
N GLN B 19 -6.21 14.74 0.34
CA GLN B 19 -7.14 15.74 -0.18
C GLN B 19 -8.24 15.09 -1.00
N ASP B 20 -7.93 14.03 -1.75
CA ASP B 20 -8.97 13.32 -2.49
C ASP B 20 -10.00 12.69 -1.56
N ASN B 21 -9.55 12.19 -0.39
CA ASN B 21 -10.43 11.41 0.50
C ASN B 21 -11.44 12.30 1.19
N LYS B 22 -11.07 13.53 1.53
CA LYS B 22 -11.95 14.61 1.98
C LYS B 22 -12.58 14.45 3.37
N PHE B 23 -12.86 13.23 3.83
CA PHE B 23 -13.82 13.06 4.92
C PHE B 23 -13.34 11.94 5.83
N GLY B 24 -13.09 12.28 7.09
CA GLY B 24 -12.68 11.30 8.07
C GLY B 24 -13.45 11.45 9.37
N ILE B 25 -13.39 10.41 10.20
CA ILE B 25 -14.05 10.37 11.50
C ILE B 25 -12.98 10.41 12.59
N PHE B 26 -13.16 11.35 13.52
CA PHE B 26 -12.35 11.47 14.73
C PHE B 26 -12.97 10.55 15.78
N LEU B 27 -12.15 9.85 16.51
CA LEU B 27 -12.63 9.03 17.63
C LEU B 27 -11.85 9.42 18.89
N HIS B 28 -12.52 10.08 19.85
CA HIS B 28 -11.92 10.36 21.15
C HIS B 28 -12.35 9.30 22.16
N TRP B 29 -11.42 8.44 22.55
CA TRP B 29 -11.69 7.35 23.48
C TRP B 29 -10.52 7.20 24.42
N GLY B 30 -10.80 7.26 25.71
CA GLY B 30 -9.79 7.04 26.74
C GLY B 30 -10.49 6.75 28.07
N LEU B 31 -9.70 6.73 29.14
CA LEU B 31 -10.31 6.45 30.46
C LEU B 31 -11.39 7.44 30.80
N TYR B 32 -11.28 8.67 30.30
CA TYR B 32 -12.31 9.68 30.57
C TYR B 32 -13.69 9.20 30.16
N ALA B 33 -13.79 8.16 29.32
CA ALA B 33 -15.12 7.69 28.93
C ALA B 33 -15.89 7.09 30.10
N MET B 34 -15.20 6.59 31.11
CA MET B 34 -15.87 6.09 32.32
C MET B 34 -16.56 7.22 33.05
N LEU B 35 -15.85 8.34 33.26
CA LEU B 35 -16.40 9.52 33.92
C LEU B 35 -17.49 10.17 33.09
N ALA B 36 -17.38 10.08 31.76
CA ALA B 36 -18.45 10.51 30.86
C ALA B 36 -18.77 12.00 31.01
N THR B 37 -17.74 12.79 31.31
CA THR B 37 -17.89 14.24 31.45
C THR B 37 -16.88 15.00 30.59
N GLY B 38 -16.15 14.31 29.74
CA GLY B 38 -15.25 14.97 28.82
C GLY B 38 -13.77 14.65 29.10
N GLU B 39 -12.97 14.69 28.04
CA GLU B 39 -11.55 14.36 28.12
C GLU B 39 -10.76 15.37 28.96
N TRP B 40 -11.28 16.58 29.16
CA TRP B 40 -10.65 17.60 30.01
C TRP B 40 -10.97 17.44 31.49
N THR B 41 -11.76 16.44 31.87
CA THR B 41 -12.22 16.36 33.27
C THR B 41 -11.06 16.35 34.25
N MET B 42 -9.97 15.64 33.94
CA MET B 42 -8.88 15.50 34.90
C MET B 42 -8.27 16.85 35.31
N THR B 43 -8.09 17.77 34.36
CA THR B 43 -7.61 19.08 34.77
C THR B 43 -8.74 20.05 35.12
N ASN B 44 -9.93 19.91 34.53
CA ASN B 44 -11.06 20.75 34.89
C ASN B 44 -11.38 20.63 36.39
N ASN B 45 -11.31 19.43 36.93
CA ASN B 45 -11.75 19.15 38.30
C ASN B 45 -10.57 18.84 39.22
N ASN B 46 -9.33 19.10 38.76
CA ASN B 46 -8.14 19.02 39.60
C ASN B 46 -8.05 17.65 40.28
N LEU B 47 -8.23 16.59 39.48
CA LEU B 47 -8.16 15.24 39.99
C LEU B 47 -6.72 14.81 40.19
N ASN B 48 -6.49 14.11 41.30
CA ASN B 48 -5.17 13.60 41.62
C ASN B 48 -4.76 12.53 40.59
N TYR B 49 -3.50 12.60 40.15
CA TYR B 49 -3.07 11.72 39.05
C TYR B 49 -3.15 10.24 39.44
N LYS B 50 -2.74 9.87 40.66
CA LYS B 50 -2.79 8.46 41.03
C LYS B 50 -4.23 8.00 41.27
N GLU B 51 -5.09 8.87 41.80
CA GLU B 51 -6.48 8.50 42.00
C GLU B 51 -7.16 8.25 40.65
N TYR B 52 -6.89 9.11 39.68
CA TYR B 52 -7.45 8.97 38.34
C TYR B 52 -7.04 7.64 37.73
N ALA B 53 -5.79 7.25 37.93
CA ALA B 53 -5.30 6.02 37.31
C ALA B 53 -5.96 4.77 37.89
N LYS B 54 -6.50 4.85 39.11
CA LYS B 54 -7.23 3.71 39.66
C LYS B 54 -8.44 3.36 38.82
N LEU B 55 -8.96 4.29 38.02
CA LEU B 55 -10.09 4.00 37.16
C LEU B 55 -9.77 2.83 36.22
N ALA B 56 -8.50 2.68 35.84
CA ALA B 56 -8.14 1.70 34.81
C ALA B 56 -8.51 0.29 35.24
N GLY B 57 -8.44 -0.01 36.55
CA GLY B 57 -8.84 -1.34 37.03
C GLY B 57 -10.30 -1.67 36.84
N GLY B 58 -11.12 -0.70 36.45
CA GLY B 58 -12.52 -0.92 36.20
C GLY B 58 -12.95 -0.66 34.76
N PHE B 59 -11.97 -0.51 33.87
CA PHE B 59 -12.24 -0.22 32.45
C PHE B 59 -12.39 -1.53 31.69
N TYR B 60 -13.61 -1.81 31.23
CA TYR B 60 -13.89 -3.04 30.50
C TYR B 60 -14.98 -2.78 29.47
N PRO B 61 -14.62 -2.26 28.30
CA PRO B 61 -15.66 -1.90 27.29
C PRO B 61 -16.13 -3.15 26.53
N SER B 62 -17.01 -3.90 27.20
CA SER B 62 -17.27 -5.27 26.83
C SER B 62 -17.86 -5.41 25.43
N LYS B 63 -18.52 -4.38 24.93
CA LYS B 63 -19.18 -4.45 23.63
C LYS B 63 -18.31 -3.89 22.51
N PHE B 64 -17.05 -3.56 22.79
CA PHE B 64 -16.15 -3.10 21.74
C PHE B 64 -16.05 -4.12 20.60
N ASP B 65 -16.15 -3.64 19.36
CA ASP B 65 -15.98 -4.50 18.19
C ASP B 65 -15.42 -3.64 17.07
N ALA B 66 -14.13 -3.81 16.78
CA ALA B 66 -13.44 -2.90 15.85
C ALA B 66 -14.02 -3.03 14.45
N ASP B 67 -14.29 -4.26 14.03
CA ASP B 67 -15.00 -4.49 12.77
C ASP B 67 -16.29 -3.68 12.71
N LYS B 68 -17.12 -3.75 13.76
CA LYS B 68 -18.38 -3.01 13.75
C LYS B 68 -18.16 -1.49 13.70
N TRP B 69 -17.20 -0.98 14.46
CA TRP B 69 -16.92 0.44 14.38
C TRP B 69 -16.56 0.86 12.95
N VAL B 70 -15.59 0.19 12.35
CA VAL B 70 -15.08 0.61 11.04
C VAL B 70 -16.14 0.40 9.97
N ALA B 71 -16.92 -0.67 10.07
CA ALA B 71 -18.01 -0.85 9.11
C ALA B 71 -19.00 0.31 9.18
N ALA B 72 -19.35 0.73 10.40
CA ALA B 72 -20.27 1.86 10.56
C ALA B 72 -19.66 3.16 10.02
N ILE B 73 -18.34 3.35 10.21
CA ILE B 73 -17.70 4.56 9.72
C ILE B 73 -17.57 4.54 8.19
N LYS B 74 -17.25 3.39 7.61
CA LYS B 74 -17.21 3.27 6.15
C LYS B 74 -18.56 3.58 5.51
N ALA B 75 -19.64 3.21 6.19
CA ALA B 75 -20.99 3.42 5.67
C ALA B 75 -21.34 4.90 5.51
N SER B 76 -20.61 5.79 6.20
CA SER B 76 -20.84 7.23 6.05
C SER B 76 -20.18 7.83 4.82
N GLY B 77 -19.36 7.08 4.10
CA GLY B 77 -18.53 7.64 3.07
C GLY B 77 -17.20 8.19 3.56
N ALA B 78 -16.95 8.17 4.86
CA ALA B 78 -15.63 8.53 5.39
C ALA B 78 -14.58 7.57 4.85
N LYS B 79 -13.38 8.08 4.67
CA LYS B 79 -12.28 7.32 4.09
C LYS B 79 -11.11 7.11 5.06
N TYR B 80 -11.14 7.73 6.23
CA TYR B 80 -10.07 7.58 7.20
C TYR B 80 -10.61 7.81 8.60
N ILE B 81 -9.82 7.38 9.59
CA ILE B 81 -10.13 7.49 11.00
C ILE B 81 -8.92 8.09 11.71
N CYS B 82 -9.18 9.05 12.58
CA CYS B 82 -8.14 9.61 13.46
C CYS B 82 -8.51 9.21 14.88
N PHE B 83 -7.68 8.36 15.50
CA PHE B 83 -7.96 7.77 16.80
C PHE B 83 -6.99 8.33 17.84
N THR B 84 -7.53 8.66 19.01
CA THR B 84 -6.72 9.15 20.13
C THR B 84 -5.93 8.02 20.79
N THR B 85 -4.69 7.82 20.35
CA THR B 85 -3.86 6.78 20.94
C THR B 85 -3.50 7.11 22.39
N ARG B 86 -3.50 8.38 22.75
CA ARG B 86 -3.10 8.83 24.09
C ARG B 86 -3.43 10.32 24.15
N HIS B 87 -4.36 10.69 25.02
CA HIS B 87 -4.78 12.08 25.16
C HIS B 87 -4.01 12.72 26.31
N HIS B 88 -4.45 13.92 26.72
CA HIS B 88 -3.77 14.65 27.79
C HIS B 88 -3.75 13.85 29.09
N GLU B 89 -4.83 13.10 29.37
CA GLU B 89 -4.85 12.24 30.57
C GLU B 89 -3.63 11.32 30.62
N GLY B 90 -2.95 11.08 29.48
CA GLY B 90 -1.72 10.30 29.47
C GLY B 90 -1.87 8.79 29.44
N PHE B 91 -3.09 8.28 29.34
CA PHE B 91 -3.33 6.83 29.25
C PHE B 91 -3.17 6.32 27.83
N SER B 92 -2.32 5.30 27.65
CA SER B 92 -2.01 4.76 26.31
C SER B 92 -3.02 3.69 25.94
N MET B 93 -3.73 3.88 24.82
CA MET B 93 -4.75 2.92 24.39
C MET B 93 -4.18 1.82 23.51
N PHE B 94 -2.90 1.47 23.73
CA PHE B 94 -2.19 0.50 22.93
C PHE B 94 -1.17 -0.16 23.84
N ASP B 95 -0.58 -1.26 23.38
CA ASP B 95 0.36 -2.03 24.19
C ASP B 95 1.74 -1.41 24.06
N THR B 96 2.09 -0.55 25.02
CA THR B 96 3.39 0.10 25.01
C THR B 96 4.31 -0.55 26.02
N LYS B 97 5.58 -0.68 25.66
CA LYS B 97 6.57 -1.21 26.58
C LYS B 97 7.23 -0.11 27.42
N TYR B 98 6.77 1.13 27.27
CA TYR B 98 7.40 2.28 27.94
C TYR B 98 6.52 2.86 29.02
N SER B 99 5.34 2.30 29.22
CA SER B 99 4.50 2.62 30.37
C SER B 99 3.60 1.44 30.66
N ASP B 100 3.43 1.10 31.93
CA ASP B 100 2.42 0.12 32.31
C ASP B 100 1.02 0.72 32.37
N TYR B 101 0.90 2.05 32.24
CA TYR B 101 -0.39 2.74 32.25
C TYR B 101 -0.98 2.69 30.85
N ASN B 102 -1.47 1.51 30.49
CA ASN B 102 -1.96 1.27 29.14
C ASN B 102 -3.10 0.26 29.20
N ILE B 103 -3.83 0.19 28.09
CA ILE B 103 -5.06 -0.60 28.06
C ILE B 103 -4.82 -2.08 28.25
N VAL B 104 -3.63 -2.57 27.89
CA VAL B 104 -3.37 -4.01 27.98
C VAL B 104 -2.96 -4.39 29.40
N LYS B 105 -2.03 -3.63 29.99
CA LYS B 105 -1.47 -4.01 31.28
C LYS B 105 -2.29 -3.52 32.48
N ALA B 106 -2.92 -2.37 32.40
CA ALA B 106 -3.53 -1.75 33.57
C ALA B 106 -5.05 -1.92 33.64
N THR B 107 -5.69 -2.56 32.64
CA THR B 107 -7.13 -2.78 32.69
C THR B 107 -7.44 -4.26 32.62
N PRO B 108 -8.60 -4.68 33.16
CA PRO B 108 -9.04 -6.08 32.98
C PRO B 108 -9.42 -6.40 31.53
N PHE B 109 -9.61 -5.40 30.67
CA PHE B 109 -9.92 -5.66 29.28
C PHE B 109 -8.77 -6.36 28.56
N LYS B 110 -7.53 -5.99 28.89
CA LYS B 110 -6.30 -6.66 28.42
C LYS B 110 -6.22 -6.79 26.91
N ARG B 111 -6.77 -5.85 26.15
CA ARG B 111 -6.75 -5.95 24.69
C ARG B 111 -6.25 -4.67 24.08
N ASP B 112 -5.43 -4.80 23.04
CA ASP B 112 -4.85 -3.64 22.34
C ASP B 112 -5.86 -3.14 21.30
N VAL B 113 -6.68 -2.16 21.67
CA VAL B 113 -7.75 -1.71 20.78
C VAL B 113 -7.19 -1.01 19.56
N VAL B 114 -6.00 -0.41 19.65
CA VAL B 114 -5.39 0.19 18.46
C VAL B 114 -5.00 -0.88 17.46
N LYS B 115 -4.44 -2.02 17.92
CA LYS B 115 -4.20 -3.11 16.98
C LYS B 115 -5.50 -3.63 16.38
N GLU B 116 -6.54 -3.80 17.19
CA GLU B 116 -7.78 -4.34 16.64
C GLU B 116 -8.39 -3.37 15.64
N LEU B 117 -8.25 -2.06 15.87
CA LEU B 117 -8.74 -1.07 14.92
C LEU B 117 -7.90 -1.04 13.66
N ALA B 118 -6.59 -1.26 13.79
CA ALA B 118 -5.73 -1.29 12.61
C ALA B 118 -6.09 -2.46 11.71
N ASP B 119 -6.34 -3.64 12.30
CA ASP B 119 -6.73 -4.79 11.52
C ASP B 119 -8.09 -4.56 10.83
N ALA B 120 -9.05 -3.97 11.53
CA ALA B 120 -10.34 -3.69 10.93
C ALA B 120 -10.21 -2.66 9.81
N CYS B 121 -9.36 -1.67 9.99
CA CYS B 121 -9.14 -0.69 8.92
C CYS B 121 -8.55 -1.34 7.67
N ALA B 122 -7.63 -2.31 7.82
CA ALA B 122 -7.09 -2.96 6.65
C ALA B 122 -8.19 -3.73 5.92
N LYS B 123 -9.05 -4.39 6.69
CA LYS B 123 -10.13 -5.19 6.12
C LYS B 123 -11.04 -4.34 5.25
N HIS B 124 -11.41 -3.17 5.74
CA HIS B 124 -12.44 -2.33 5.13
C HIS B 124 -11.91 -1.24 4.21
N GLY B 125 -10.59 -1.11 4.04
CA GLY B 125 -10.04 -0.10 3.15
C GLY B 125 -10.11 1.32 3.68
N ILE B 126 -9.92 1.50 4.98
CA ILE B 126 -9.97 2.79 5.66
C ILE B 126 -8.57 3.09 6.18
N LYS B 127 -8.07 4.30 5.91
CA LYS B 127 -6.77 4.72 6.40
C LYS B 127 -6.86 5.10 7.89
N LEU B 128 -5.75 4.94 8.60
CA LEU B 128 -5.71 5.07 10.05
C LEU B 128 -4.70 6.15 10.41
N HIS B 129 -5.18 7.19 11.10
CA HIS B 129 -4.37 8.28 11.60
C HIS B 129 -4.34 8.24 13.12
N PHE B 130 -3.21 8.63 13.69
CA PHE B 130 -3.05 8.58 15.14
C PHE B 130 -2.97 10.01 15.73
N TYR B 131 -3.88 10.32 16.64
CA TYR B 131 -3.76 11.51 17.47
C TYR B 131 -2.84 11.18 18.64
N TYR B 132 -1.91 12.09 18.94
CA TYR B 132 -0.93 11.86 20.00
C TYR B 132 -0.68 13.16 20.75
N SER B 133 -0.88 13.13 22.07
CA SER B 133 -0.81 14.36 22.87
C SER B 133 0.63 14.70 23.18
N HIS B 134 1.04 15.94 22.82
CA HIS B 134 2.32 16.47 23.27
C HIS B 134 2.36 16.79 24.77
N ILE B 135 1.21 16.89 25.43
CA ILE B 135 1.18 17.19 26.86
C ILE B 135 0.63 15.99 27.62
N ASP B 136 0.84 16.01 28.93
CA ASP B 136 0.59 14.83 29.76
C ASP B 136 0.34 15.28 31.19
N TRP B 137 -0.86 15.00 31.70
CA TRP B 137 -1.27 15.36 33.05
C TRP B 137 -0.94 14.28 34.07
N TYR B 138 -0.42 13.13 33.63
CA TYR B 138 -0.17 11.99 34.51
C TYR B 138 1.30 11.80 34.86
N ARG B 139 2.18 11.82 33.87
CA ARG B 139 3.58 11.46 34.10
C ARG B 139 4.26 12.48 34.99
N GLU B 140 5.13 12.02 35.90
CA GLU B 140 5.86 12.93 36.77
C GLU B 140 7.00 13.65 36.05
N ASP B 141 7.41 13.18 34.87
CA ASP B 141 8.46 13.85 34.11
C ASP B 141 7.92 14.82 33.07
N ALA B 142 6.62 15.01 32.98
CA ALA B 142 6.02 15.88 31.98
C ALA B 142 6.03 17.32 32.47
N PRO B 143 6.54 18.27 31.67
CA PRO B 143 6.54 19.66 32.14
C PRO B 143 5.12 20.21 32.11
N GLN B 144 4.82 21.06 33.08
CA GLN B 144 3.51 21.65 33.18
C GLN B 144 3.52 23.00 32.45
N GLY B 145 2.49 23.24 31.66
CA GLY B 145 2.27 24.54 31.06
C GLY B 145 1.08 25.19 31.72
N ARG B 146 0.07 25.54 30.93
CA ARG B 146 -1.12 26.16 31.50
C ARG B 146 -2.00 25.14 32.23
N THR B 147 -2.08 23.92 31.72
CA THR B 147 -2.96 22.91 32.30
C THR B 147 -2.18 21.94 33.18
N GLY B 148 -2.94 21.11 33.89
CA GLY B 148 -2.36 20.03 34.68
C GLY B 148 -1.58 20.49 35.88
N ARG B 149 -1.84 21.70 36.38
CA ARG B 149 -1.07 22.22 37.49
C ARG B 149 -1.59 21.77 38.86
N ARG B 150 -2.75 21.13 38.92
CA ARG B 150 -3.32 20.70 40.19
C ARG B 150 -3.67 19.24 40.14
N THR B 151 -2.77 18.42 39.54
CA THR B 151 -2.90 16.98 39.49
C THR B 151 -2.27 16.32 40.71
N GLY B 152 -1.61 17.09 41.57
CA GLY B 152 -0.93 16.52 42.72
C GLY B 152 0.49 16.09 42.48
N ARG B 153 1.05 16.37 41.32
CA ARG B 153 2.35 15.84 40.93
C ARG B 153 3.46 16.62 41.62
N PRO B 154 4.62 15.97 41.87
CA PRO B 154 5.67 16.63 42.65
C PRO B 154 6.53 17.65 41.90
N ASN B 155 6.73 17.49 40.59
CA ASN B 155 7.74 18.24 39.84
C ASN B 155 7.11 19.04 38.71
N PRO B 156 6.62 20.25 38.98
CA PRO B 156 5.96 21.01 37.90
C PRO B 156 6.87 21.26 36.70
N LYS B 157 8.18 21.19 36.88
CA LYS B 157 9.13 21.39 35.79
C LYS B 157 9.28 20.16 34.95
N GLY B 158 9.01 18.99 35.53
CA GLY B 158 9.19 17.70 34.92
C GLY B 158 10.67 17.42 34.66
N ASP B 159 10.90 16.60 33.65
CA ASP B 159 12.23 16.17 33.21
C ASP B 159 12.11 15.96 31.71
N TRP B 160 12.33 17.04 30.95
CA TRP B 160 12.01 17.03 29.54
C TRP B 160 12.81 15.97 28.79
N LYS B 161 14.09 15.78 29.12
CA LYS B 161 14.84 14.77 28.39
C LYS B 161 14.19 13.39 28.55
N SER B 162 13.74 13.07 29.76
CA SER B 162 13.04 11.81 29.98
C SER B 162 11.69 11.77 29.26
N TYR B 163 10.89 12.83 29.41
CA TYR B 163 9.58 12.87 28.77
C TYR B 163 9.70 12.84 27.26
N TYR B 164 10.64 13.60 26.70
CA TYR B 164 10.79 13.66 25.25
C TYR B 164 11.22 12.31 24.69
N GLN B 165 12.14 11.62 25.38
CA GLN B 165 12.53 10.28 24.94
C GLN B 165 11.35 9.31 24.99
N PHE B 166 10.52 9.41 26.03
CA PHE B 166 9.35 8.53 26.14
C PHE B 166 8.40 8.73 24.96
N MET B 167 8.13 9.99 24.63
CA MET B 167 7.28 10.34 23.49
C MET B 167 7.84 9.68 22.23
N ASN B 168 9.15 9.85 21.98
CA ASN B 168 9.76 9.32 20.77
C ASN B 168 9.74 7.78 20.77
N ASN B 169 9.99 7.18 21.93
CA ASN B 169 9.87 5.73 22.04
C ASN B 169 8.45 5.25 21.70
N GLN B 170 7.43 6.00 22.13
CA GLN B 170 6.05 5.62 21.85
C GLN B 170 5.72 5.84 20.38
N LEU B 171 6.16 6.97 19.83
CA LEU B 171 5.93 7.22 18.40
C LEU B 171 6.58 6.12 17.58
N THR B 172 7.77 5.64 18.01
CA THR B 172 8.38 4.52 17.31
C THR B 172 7.47 3.29 17.34
N GLU B 173 6.94 2.94 18.51
CA GLU B 173 5.98 1.82 18.57
C GLU B 173 4.81 2.03 17.61
N LEU B 174 4.19 3.21 17.62
CA LEU B 174 2.98 3.40 16.83
C LEU B 174 3.28 3.33 15.34
N LEU B 175 4.52 3.65 14.95
CA LEU B 175 4.89 3.69 13.54
C LEU B 175 5.63 2.43 13.07
N THR B 176 5.78 1.44 13.95
CA THR B 176 6.32 0.14 13.55
C THR B 176 5.37 -1.03 13.81
N ASN B 177 4.49 -0.98 14.81
CA ASN B 177 3.78 -2.16 15.26
C ASN B 177 2.33 -2.25 14.77
N TYR B 178 1.88 -1.29 13.96
CA TYR B 178 0.46 -1.17 13.63
C TYR B 178 0.25 -0.93 12.13
N GLY B 179 1.15 -1.44 11.30
CA GLY B 179 1.01 -1.35 9.87
C GLY B 179 1.17 0.08 9.35
N PRO B 180 0.73 0.32 8.12
CA PRO B 180 0.89 1.66 7.53
C PRO B 180 -0.02 2.66 8.21
N ILE B 181 0.54 3.81 8.58
CA ILE B 181 -0.18 4.87 9.29
C ILE B 181 -0.21 6.12 8.39
N GLY B 182 -1.40 6.63 8.14
CA GLY B 182 -1.55 7.77 7.24
C GLY B 182 -1.13 9.10 7.81
N ALA B 183 -1.17 9.27 9.13
CA ALA B 183 -0.77 10.54 9.71
C ALA B 183 -0.57 10.43 11.21
N ILE B 184 0.32 11.28 11.75
CA ILE B 184 0.41 11.58 13.16
C ILE B 184 -0.15 12.97 13.35
N TRP B 185 -1.10 13.11 14.25
CA TRP B 185 -1.87 14.34 14.50
C TRP B 185 -1.53 14.83 15.92
N PHE B 186 -0.60 15.76 16.03
CA PHE B 186 -0.13 16.21 17.33
C PHE B 186 -1.07 17.27 17.90
N ASP B 187 -1.11 17.38 19.23
CA ASP B 187 -1.92 18.36 19.93
C ASP B 187 -1.29 18.66 21.28
N GLY B 188 -1.47 19.90 21.73
CA GLY B 188 -0.96 20.35 23.03
C GLY B 188 0.05 21.47 22.98
N TRP B 189 0.56 21.83 21.79
CA TRP B 189 1.52 22.92 21.66
C TRP B 189 1.08 24.14 22.43
N TRP B 190 -0.20 24.51 22.28
CA TRP B 190 -0.77 25.69 22.93
C TRP B 190 -0.62 25.70 24.45
N ASP B 191 -0.36 24.55 25.07
CA ASP B 191 -0.20 24.50 26.53
C ASP B 191 1.03 25.28 27.01
N GLN B 192 2.02 25.50 26.14
CA GLN B 192 3.23 26.22 26.50
C GLN B 192 3.34 27.57 25.81
N ASP B 193 2.25 28.07 25.24
CA ASP B 193 2.31 29.35 24.57
C ASP B 193 2.57 30.50 25.55
N ILE B 194 2.44 30.26 26.87
CA ILE B 194 2.86 31.24 27.87
C ILE B 194 4.37 31.37 27.89
N ASN B 195 5.10 30.33 27.47
CA ASN B 195 6.57 30.27 27.50
C ASN B 195 7.09 30.32 26.06
N PRO B 196 7.29 31.50 25.49
CA PRO B 196 7.60 31.56 24.05
C PRO B 196 8.91 30.90 23.67
N ASP B 197 9.78 30.64 24.64
CA ASP B 197 11.06 30.00 24.40
C ASP B 197 11.02 28.49 24.61
N PHE B 198 9.83 27.91 24.84
CA PHE B 198 9.76 26.48 25.06
C PHE B 198 10.15 25.73 23.80
N ASP B 199 11.08 24.79 23.94
CA ASP B 199 11.67 24.07 22.80
C ASP B 199 11.04 22.69 22.71
N TRP B 200 10.12 22.52 21.76
CA TRP B 200 9.49 21.21 21.56
C TRP B 200 10.38 20.23 20.80
N GLU B 201 11.52 20.68 20.26
CA GLU B 201 12.46 19.83 19.51
C GLU B 201 11.73 19.05 18.42
N LEU B 202 10.96 19.77 17.61
CA LEU B 202 10.10 19.14 16.61
C LEU B 202 10.85 18.67 15.37
N PRO B 203 11.92 19.36 14.92
CA PRO B 203 12.65 18.86 13.75
C PRO B 203 13.11 17.40 13.91
N GLU B 204 13.69 17.07 15.06
CA GLU B 204 14.14 15.70 15.30
C GLU B 204 12.95 14.75 15.40
N GLN B 205 11.86 15.22 15.99
CA GLN B 205 10.72 14.33 16.18
C GLN B 205 9.98 14.11 14.88
N TYR B 206 9.83 15.18 14.09
CA TYR B 206 9.24 15.02 12.76
C TYR B 206 10.14 14.17 11.87
N ALA B 207 11.47 14.35 11.97
CA ALA B 207 12.37 13.53 11.19
C ALA B 207 12.23 12.06 11.57
N LEU B 208 12.06 11.77 12.87
CA LEU B 208 11.85 10.40 13.31
C LEU B 208 10.66 9.76 12.62
N ILE B 209 9.55 10.49 12.53
CA ILE B 209 8.33 9.96 11.91
C ILE B 209 8.57 9.65 10.45
N HIS B 210 9.13 10.60 9.70
CA HIS B 210 9.34 10.39 8.28
C HIS B 210 10.40 9.32 8.00
N ARG B 211 11.35 9.14 8.92
CA ARG B 211 12.29 8.04 8.74
C ARG B 211 11.59 6.69 8.89
N LEU B 212 10.71 6.56 9.90
CA LEU B 212 10.06 5.27 10.11
C LEU B 212 9.03 4.98 9.02
N GLN B 213 8.23 5.97 8.63
CA GLN B 213 7.32 5.84 7.50
C GLN B 213 7.30 7.14 6.67
N PRO B 214 8.08 7.19 5.60
CA PRO B 214 8.13 8.42 4.77
C PRO B 214 6.79 8.89 4.25
N ALA B 215 5.83 7.98 4.05
CA ALA B 215 4.52 8.37 3.55
C ALA B 215 3.61 8.95 4.61
N CYS B 216 3.96 8.84 5.89
CA CYS B 216 3.10 9.31 6.96
C CYS B 216 3.07 10.83 6.98
N LEU B 217 1.88 11.39 7.17
CA LEU B 217 1.69 12.83 7.22
C LEU B 217 1.78 13.34 8.64
N VAL B 218 2.49 14.45 8.84
CA VAL B 218 2.63 15.06 10.16
C VAL B 218 1.76 16.31 10.23
N GLY B 219 0.87 16.35 11.22
CA GLY B 219 0.14 17.55 11.55
C GLY B 219 0.35 17.90 13.01
N ASN B 220 0.19 19.18 13.33
CA ASN B 220 0.33 19.64 14.70
C ASN B 220 -0.67 20.76 14.92
N ASN B 221 -1.59 20.56 15.87
CA ASN B 221 -2.68 21.52 16.15
C ASN B 221 -2.20 22.66 17.07
N HIS B 222 -1.36 23.51 16.51
CA HIS B 222 -0.80 24.64 17.26
C HIS B 222 -1.33 26.00 16.84
N HIS B 223 -2.13 26.08 15.77
CA HIS B 223 -2.77 27.30 15.33
C HIS B 223 -1.78 28.32 14.78
N GLN B 224 -0.58 27.89 14.41
CA GLN B 224 0.45 28.74 13.85
C GLN B 224 0.64 28.44 12.38
N THR B 225 1.47 29.26 11.73
CA THR B 225 1.99 28.89 10.43
C THR B 225 2.74 27.57 10.57
N PRO B 226 2.44 26.57 9.76
CA PRO B 226 3.06 25.25 9.98
C PRO B 226 4.59 25.34 10.06
N PHE B 227 5.16 24.52 10.94
CA PHE B 227 6.60 24.45 11.06
C PHE B 227 7.16 23.47 10.02
N ALA B 228 8.47 23.60 9.77
CA ALA B 228 9.12 22.75 8.79
C ALA B 228 8.96 21.29 9.18
N GLY B 229 8.58 20.45 8.22
CA GLY B 229 8.38 19.05 8.46
C GLY B 229 6.93 18.62 8.63
N GLU B 230 6.02 19.56 8.85
CA GLU B 230 4.59 19.26 8.87
C GLU B 230 4.08 19.11 7.44
N ASP B 231 3.14 18.19 7.25
CA ASP B 231 2.59 17.88 5.93
C ASP B 231 1.13 18.28 5.75
N ILE B 232 0.39 18.53 6.83
CA ILE B 232 -0.98 19.04 6.76
C ILE B 232 -1.10 20.21 7.72
N GLN B 233 -2.16 20.99 7.54
CA GLN B 233 -2.43 22.13 8.42
C GLN B 233 -3.85 22.01 9.00
N ILE B 234 -3.98 22.20 10.30
CA ILE B 234 -5.21 21.96 11.04
C ILE B 234 -5.85 23.27 11.45
N PHE B 235 -7.17 23.34 11.36
CA PHE B 235 -7.99 24.43 11.88
C PHE B 235 -9.02 23.86 12.85
N GLU B 236 -8.94 24.27 14.12
CA GLU B 236 -9.79 23.73 15.19
C GLU B 236 -11.16 24.40 15.15
N ARG B 237 -12.19 23.61 14.85
CA ARG B 237 -13.60 24.01 14.85
C ARG B 237 -13.81 25.44 14.36
N ASP B 238 -13.13 25.79 13.27
CA ASP B 238 -13.14 27.21 12.88
C ASP B 238 -13.14 27.44 11.39
N LEU B 239 -12.97 26.43 10.57
CA LEU B 239 -12.99 26.55 9.12
C LEU B 239 -11.87 27.50 8.68
N PRO B 240 -10.95 27.04 7.80
CA PRO B 240 -9.78 27.86 7.41
C PRO B 240 -9.83 29.35 7.71
N GLY B 241 -10.32 30.17 6.78
CA GLY B 241 -10.33 31.60 6.99
C GLY B 241 -11.45 32.07 7.89
N GLU B 242 -11.46 31.64 9.15
CA GLU B 242 -12.53 31.99 10.08
C GLU B 242 -12.10 31.61 11.49
N ASN B 243 -12.64 32.34 12.47
CA ASN B 243 -12.32 32.14 13.89
C ASN B 243 -13.57 32.34 14.75
N THR B 244 -14.63 31.58 14.43
CA THR B 244 -15.87 31.64 15.20
C THR B 244 -15.64 31.19 16.64
N ALA B 245 -15.15 29.96 16.82
CA ALA B 245 -14.96 29.41 18.17
C ALA B 245 -13.82 30.10 18.92
N GLY B 246 -12.94 30.80 18.22
CA GLY B 246 -11.80 31.44 18.84
C GLY B 246 -10.57 30.58 19.02
N LEU B 247 -10.49 29.45 18.32
CA LEU B 247 -9.44 28.45 18.53
C LEU B 247 -8.38 28.45 17.45
N SER B 248 -8.71 28.86 16.22
CA SER B 248 -7.74 28.82 15.13
C SER B 248 -8.13 29.79 14.00
N GLY B 249 -7.80 31.07 14.17
CA GLY B 249 -7.99 32.05 13.11
C GLY B 249 -6.65 32.47 12.54
N GLN B 250 -5.89 31.51 12.04
CA GLN B 250 -4.52 31.71 11.61
C GLN B 250 -4.44 31.88 10.09
N SER B 251 -3.22 31.85 9.56
CA SER B 251 -3.00 31.94 8.12
C SER B 251 -3.55 30.69 7.42
N VAL B 252 -3.43 30.66 6.10
CA VAL B 252 -3.81 29.51 5.27
C VAL B 252 -2.70 29.29 4.26
N SER B 253 -2.30 28.03 4.08
CA SER B 253 -0.99 27.72 3.50
C SER B 253 -1.09 26.72 2.35
N HIS B 254 0.10 26.34 1.83
CA HIS B 254 0.25 25.43 0.72
C HIS B 254 0.08 23.96 1.11
N LEU B 255 -0.02 23.64 2.39
CA LEU B 255 -0.23 22.26 2.79
C LEU B 255 -1.71 21.92 2.75
N PRO B 256 -2.06 20.64 2.59
CA PRO B 256 -3.46 20.25 2.69
C PRO B 256 -4.09 20.66 4.02
N LEU B 257 -5.33 21.15 3.95
CA LEU B 257 -6.07 21.69 5.08
C LEU B 257 -7.07 20.68 5.61
N GLU B 258 -7.27 20.71 6.94
CA GLU B 258 -8.24 19.86 7.60
C GLU B 258 -8.87 20.63 8.75
N THR B 259 -10.20 20.55 8.86
CA THR B 259 -10.90 21.13 9.98
C THR B 259 -11.74 20.05 10.66
N CYS B 260 -12.02 20.24 11.94
CA CYS B 260 -12.72 19.24 12.72
C CYS B 260 -13.98 19.84 13.33
N GLU B 261 -15.01 19.00 13.44
CA GLU B 261 -16.27 19.35 14.09
C GLU B 261 -16.74 18.17 14.93
N THR B 262 -17.60 18.45 15.92
CA THR B 262 -18.27 17.40 16.68
C THR B 262 -19.69 17.17 16.13
N MET B 263 -20.22 15.98 16.37
CA MET B 263 -21.55 15.67 15.89
C MET B 263 -22.61 16.14 16.89
N ASN B 264 -22.23 16.16 18.16
CA ASN B 264 -23.09 16.72 19.22
C ASN B 264 -22.27 17.85 19.86
N GLY B 265 -22.35 18.00 21.15
CA GLY B 265 -21.51 19.02 21.72
C GLY B 265 -20.13 18.58 22.17
N MET B 266 -19.74 17.31 22.01
CA MET B 266 -18.54 16.92 22.72
C MET B 266 -17.64 15.99 21.92
N TRP B 267 -16.42 15.86 22.44
CA TRP B 267 -15.29 15.15 21.87
C TRP B 267 -15.24 13.77 22.53
N GLY B 268 -14.70 13.63 23.72
CA GLY B 268 -14.89 12.41 24.48
C GLY B 268 -16.33 12.26 24.99
N TYR B 269 -16.74 11.03 25.24
CA TYR B 269 -18.14 10.75 25.54
C TYR B 269 -18.63 11.55 26.74
N LYS B 270 -19.77 12.22 26.59
CA LYS B 270 -20.45 12.92 27.68
C LYS B 270 -21.87 12.36 27.83
N ILE B 271 -22.19 11.87 29.04
CA ILE B 271 -23.49 11.22 29.22
C ILE B 271 -24.64 12.24 29.28
N THR B 272 -24.36 13.50 29.62
CA THR B 272 -25.43 14.50 29.56
C THR B 272 -25.79 14.87 28.13
N ASP B 273 -24.87 14.67 27.17
CA ASP B 273 -24.89 15.31 25.84
C ASP B 273 -25.59 14.42 24.84
N GLN B 274 -26.91 14.57 24.72
CA GLN B 274 -27.66 13.77 23.78
C GLN B 274 -28.34 14.63 22.73
N ASN B 275 -27.80 15.80 22.46
CA ASN B 275 -28.31 16.71 21.43
C ASN B 275 -27.44 16.59 20.18
N TYR B 276 -27.77 15.64 19.30
CA TYR B 276 -27.00 15.47 18.07
C TYR B 276 -27.53 16.38 16.97
N LYS B 277 -26.60 16.98 16.25
CA LYS B 277 -26.95 17.83 15.14
C LYS B 277 -27.62 17.01 14.03
N SER B 278 -28.44 17.70 13.25
CA SER B 278 -29.17 17.05 12.18
C SER B 278 -28.23 16.55 11.07
N THR B 279 -28.63 15.46 10.40
CA THR B 279 -27.96 15.02 9.18
C THR B 279 -27.69 16.18 8.22
N LYS B 280 -28.68 17.07 8.02
CA LYS B 280 -28.47 18.20 7.12
C LYS B 280 -27.30 19.07 7.62
N THR B 281 -27.27 19.36 8.91
CA THR B 281 -26.16 20.15 9.47
C THR B 281 -24.81 19.49 9.23
N LEU B 282 -24.76 18.16 9.39
CA LEU B 282 -23.49 17.45 9.21
C LEU B 282 -23.07 17.45 7.73
N ILE B 283 -24.01 17.21 6.82
CA ILE B 283 -23.69 17.27 5.40
C ILE B 283 -23.18 18.68 5.04
N HIS B 284 -23.83 19.72 5.55
CA HIS B 284 -23.34 21.08 5.31
C HIS B 284 -21.93 21.30 5.85
N TYR B 285 -21.55 20.71 6.99
CA TYR B 285 -20.17 20.87 7.47
C TYR B 285 -19.20 20.31 6.43
N LEU B 286 -19.52 19.13 5.89
CA LEU B 286 -18.64 18.47 4.92
C LEU B 286 -18.56 19.26 3.64
N VAL B 287 -19.72 19.69 3.13
CA VAL B 287 -19.74 20.41 1.85
C VAL B 287 -19.01 21.74 1.96
N LYS B 288 -19.26 22.47 3.05
CA LYS B 288 -18.60 23.75 3.22
C LYS B 288 -17.10 23.57 3.38
N ALA B 289 -16.67 22.55 4.13
CA ALA B 289 -15.24 22.28 4.24
C ALA B 289 -14.63 22.04 2.86
N ALA B 290 -15.21 21.14 2.08
CA ALA B 290 -14.73 20.84 0.74
C ALA B 290 -14.70 22.09 -0.12
N GLY B 291 -15.73 22.93 0.02
CA GLY B 291 -15.78 24.18 -0.70
C GLY B 291 -14.69 25.17 -0.35
N LYS B 292 -14.04 25.04 0.81
CA LYS B 292 -12.87 25.88 1.15
C LYS B 292 -11.58 25.10 1.06
N ASP B 293 -11.56 24.04 0.26
CA ASP B 293 -10.38 23.25 0.00
C ASP B 293 -9.86 22.56 1.27
N ALA B 294 -10.76 22.07 2.10
CA ALA B 294 -10.37 21.45 3.36
C ALA B 294 -11.09 20.13 3.57
N ASN B 295 -10.38 19.19 4.19
CA ASN B 295 -10.98 17.95 4.65
C ASN B 295 -11.80 18.24 5.89
N LEU B 296 -12.78 17.39 6.18
CA LEU B 296 -13.53 17.46 7.43
C LEU B 296 -13.27 16.20 8.25
N LEU B 297 -12.89 16.39 9.50
CA LEU B 297 -12.77 15.33 10.49
C LEU B 297 -13.91 15.51 11.50
N MET B 298 -14.89 14.60 11.47
CA MET B 298 -16.13 14.64 12.26
C MET B 298 -16.01 13.67 13.42
N ASN B 299 -16.23 14.17 14.65
CA ASN B 299 -15.87 13.41 15.82
C ASN B 299 -17.02 12.60 16.40
N ILE B 300 -16.71 11.39 16.87
CA ILE B 300 -17.60 10.59 17.70
C ILE B 300 -16.87 10.25 18.98
N GLY B 301 -17.57 10.30 20.12
CA GLY B 301 -17.02 9.91 21.40
C GLY B 301 -17.57 8.57 21.88
N PRO B 302 -16.79 7.49 21.76
CA PRO B 302 -17.32 6.16 22.11
C PRO B 302 -17.58 6.00 23.60
N GLN B 303 -18.55 5.16 23.90
CA GLN B 303 -19.04 4.93 25.26
C GLN B 303 -18.10 4.06 26.07
N PRO B 304 -18.19 4.12 27.41
CA PRO B 304 -17.37 3.20 28.22
C PRO B 304 -17.77 1.73 28.11
N ASP B 305 -18.93 1.40 27.55
CA ASP B 305 -19.25 -0.01 27.26
C ASP B 305 -18.70 -0.47 25.91
N GLY B 306 -18.01 0.41 25.18
CA GLY B 306 -17.36 0.02 23.95
C GLY B 306 -18.18 0.19 22.68
N GLU B 307 -19.42 0.68 22.77
CA GLU B 307 -20.21 0.93 21.59
C GLU B 307 -20.09 2.38 21.14
N LEU B 308 -20.12 2.59 19.82
CA LEU B 308 -20.35 3.93 19.30
C LEU B 308 -21.79 4.35 19.57
N PRO B 309 -22.04 5.58 20.02
CA PRO B 309 -23.41 6.03 20.27
C PRO B 309 -24.35 5.69 19.12
N GLU B 310 -25.48 5.10 19.49
CA GLU B 310 -26.52 4.73 18.52
C GLU B 310 -26.88 5.87 17.58
N VAL B 311 -27.07 7.09 18.11
CA VAL B 311 -27.56 8.17 17.26
C VAL B 311 -26.46 8.58 16.30
N ALA B 312 -25.19 8.58 16.76
CA ALA B 312 -24.08 8.87 15.88
C ALA B 312 -23.99 7.86 14.73
N VAL B 313 -24.19 6.56 15.02
CA VAL B 313 -24.14 5.55 13.96
C VAL B 313 -25.22 5.84 12.92
N GLN B 314 -26.43 6.18 13.39
CA GLN B 314 -27.53 6.45 12.47
C GLN B 314 -27.27 7.71 11.65
N ARG B 315 -26.70 8.76 12.26
CA ARG B 315 -26.38 9.96 11.50
C ARG B 315 -25.33 9.64 10.44
N LEU B 316 -24.28 8.90 10.80
CA LEU B 316 -23.29 8.44 9.82
C LEU B 316 -23.97 7.71 8.65
N LYS B 317 -24.91 6.81 8.97
CA LYS B 317 -25.55 6.04 7.91
C LYS B 317 -26.25 6.98 6.93
N GLU B 318 -26.93 8.00 7.44
CA GLU B 318 -27.69 8.92 6.59
C GLU B 318 -26.76 9.87 5.81
N VAL B 319 -25.67 10.31 6.42
CA VAL B 319 -24.65 11.05 5.66
C VAL B 319 -24.18 10.19 4.49
N GLY B 320 -23.98 8.88 4.75
CA GLY B 320 -23.50 7.99 3.69
C GLY B 320 -24.53 7.76 2.60
N GLU B 321 -25.81 7.77 2.94
CA GLU B 321 -26.83 7.71 1.91
C GLU B 321 -26.72 8.94 1.00
N TRP B 322 -26.42 10.10 1.57
CA TRP B 322 -26.19 11.30 0.75
C TRP B 322 -24.94 11.15 -0.09
N MET B 323 -23.86 10.70 0.53
CA MET B 323 -22.60 10.48 -0.19
C MET B 323 -22.77 9.48 -1.34
N SER B 324 -23.61 8.46 -1.17
CA SER B 324 -23.77 7.49 -2.26
C SER B 324 -24.34 8.16 -3.51
N LYS B 325 -25.11 9.22 -3.32
CA LYS B 325 -25.69 9.96 -4.43
C LYS B 325 -24.79 11.10 -4.91
N TYR B 326 -24.18 11.84 -3.98
CA TYR B 326 -23.47 13.07 -4.32
C TYR B 326 -21.96 13.02 -4.10
N GLY B 327 -21.41 11.87 -3.69
CA GLY B 327 -19.99 11.80 -3.37
C GLY B 327 -19.09 12.27 -4.50
N GLU B 328 -19.50 12.03 -5.75
CA GLU B 328 -18.71 12.45 -6.91
C GLU B 328 -18.40 13.94 -6.92
N THR B 329 -19.24 14.75 -6.26
CA THR B 329 -19.06 16.19 -6.18
C THR B 329 -18.17 16.61 -5.03
N ILE B 330 -17.68 15.64 -4.24
CA ILE B 330 -16.86 15.88 -3.05
C ILE B 330 -15.54 15.15 -3.20
N TYR B 331 -15.59 13.82 -3.33
CA TYR B 331 -14.38 13.05 -3.45
C TYR B 331 -13.55 13.56 -4.63
N GLY B 332 -12.25 13.64 -4.45
CA GLY B 332 -11.34 13.98 -5.52
C GLY B 332 -11.38 15.43 -5.94
N THR B 333 -12.13 16.27 -5.26
CA THR B 333 -12.23 17.68 -5.62
C THR B 333 -11.26 18.54 -4.82
N ARG B 334 -11.13 19.78 -5.27
CA ARG B 334 -10.43 20.85 -4.57
C ARG B 334 -11.43 22.00 -4.40
N GLY B 335 -11.09 22.96 -3.55
CA GLY B 335 -11.93 24.12 -3.40
C GLY B 335 -12.23 24.80 -4.72
N GLY B 336 -13.47 25.25 -4.89
CA GLY B 336 -13.91 25.73 -6.19
C GLY B 336 -13.50 27.16 -6.53
N LEU B 337 -13.61 27.44 -7.85
CA LEU B 337 -13.32 28.76 -8.40
C LEU B 337 -14.12 29.87 -7.72
N VAL B 338 -15.39 29.61 -7.43
CA VAL B 338 -16.27 30.58 -6.80
C VAL B 338 -16.19 30.38 -5.30
N ALA B 339 -15.87 31.45 -4.59
CA ALA B 339 -15.62 31.39 -3.17
C ALA B 339 -16.91 31.16 -2.41
N PRO B 340 -16.83 30.73 -1.15
CA PRO B 340 -18.07 30.54 -0.38
C PRO B 340 -18.91 31.81 -0.33
N HIS B 341 -20.23 31.62 -0.39
CA HIS B 341 -21.23 32.69 -0.34
C HIS B 341 -22.28 32.29 0.70
N ASP B 342 -23.21 33.22 0.99
CA ASP B 342 -24.30 32.88 1.89
C ASP B 342 -25.15 31.73 1.34
N TRP B 343 -25.22 31.59 0.00
CA TRP B 343 -26.06 30.54 -0.59
C TRP B 343 -25.40 29.17 -0.65
N GLY B 344 -24.09 29.08 -0.51
CA GLY B 344 -23.41 27.80 -0.68
C GLY B 344 -21.94 28.00 -1.09
N VAL B 345 -21.39 26.98 -1.75
CA VAL B 345 -19.98 26.88 -2.06
C VAL B 345 -19.84 26.14 -3.39
N THR B 346 -18.61 26.10 -3.90
CA THR B 346 -18.27 25.33 -5.08
C THR B 346 -17.06 24.46 -4.79
N THR B 347 -17.04 23.29 -5.44
CA THR B 347 -15.89 22.40 -5.53
C THR B 347 -15.61 22.13 -7.00
N GLN B 348 -14.41 21.64 -7.29
CA GLN B 348 -14.06 21.40 -8.68
C GLN B 348 -13.10 20.23 -8.84
N LYS B 349 -13.16 19.63 -10.03
CA LYS B 349 -12.43 18.44 -10.40
C LYS B 349 -12.47 18.34 -11.90
N GLY B 350 -11.30 18.24 -12.55
CA GLY B 350 -11.25 18.20 -14.00
C GLY B 350 -11.80 19.47 -14.60
N ASN B 351 -12.71 19.34 -15.57
CA ASN B 351 -13.37 20.48 -16.19
C ASN B 351 -14.76 20.75 -15.58
N LYS B 352 -15.03 20.24 -14.39
CA LYS B 352 -16.33 20.40 -13.75
C LYS B 352 -16.24 21.31 -12.53
N LEU B 353 -17.18 22.22 -12.42
CA LEU B 353 -17.37 23.07 -11.24
C LEU B 353 -18.74 22.72 -10.68
N TYR B 354 -18.76 22.15 -9.47
CA TYR B 354 -20.00 21.78 -8.81
C TYR B 354 -20.44 22.92 -7.92
N VAL B 355 -21.63 23.47 -8.20
CA VAL B 355 -22.21 24.58 -7.46
C VAL B 355 -23.16 23.98 -6.41
N HIS B 356 -22.77 24.09 -5.15
CA HIS B 356 -23.52 23.48 -4.05
C HIS B 356 -24.44 24.54 -3.49
N ILE B 357 -25.72 24.45 -3.83
CA ILE B 357 -26.71 25.42 -3.39
C ILE B 357 -27.31 24.89 -2.10
N LEU B 358 -26.94 25.50 -1.00
CA LEU B 358 -27.28 25.07 0.35
C LEU B 358 -28.34 25.92 1.01
N ASN B 359 -28.50 27.18 0.58
CA ASN B 359 -29.33 28.14 1.30
C ASN B 359 -29.72 29.28 0.38
N LEU B 360 -30.70 29.04 -0.48
CA LEU B 360 -31.09 29.98 -1.52
C LEU B 360 -32.58 30.23 -1.44
N GLN B 361 -32.96 31.52 -1.47
CA GLN B 361 -34.36 31.96 -1.37
C GLN B 361 -35.03 32.17 -2.71
N ASP B 362 -34.27 32.23 -3.78
CA ASP B 362 -34.75 32.67 -5.07
C ASP B 362 -34.70 31.51 -6.07
N LYS B 363 -35.33 31.77 -7.23
CA LYS B 363 -35.34 30.84 -8.35
C LYS B 363 -34.22 31.11 -9.35
N ALA B 364 -33.30 32.01 -9.02
CA ALA B 364 -32.17 32.30 -9.88
C ALA B 364 -30.94 32.50 -8.99
N LEU B 365 -29.76 32.33 -9.60
CA LEU B 365 -28.50 32.44 -8.86
C LEU B 365 -27.47 33.12 -9.74
N PHE B 366 -27.02 34.30 -9.32
CA PHE B 366 -25.88 34.94 -9.95
C PHE B 366 -24.58 34.28 -9.50
N LEU B 367 -23.65 34.06 -10.43
CA LEU B 367 -22.35 33.50 -10.12
C LEU B 367 -21.29 34.38 -10.76
N PRO B 368 -20.28 34.81 -10.02
CA PRO B 368 -19.27 35.70 -10.59
C PRO B 368 -18.20 34.93 -11.37
N ILE B 369 -18.62 34.33 -12.47
CA ILE B 369 -17.72 33.61 -13.36
C ILE B 369 -17.64 34.45 -14.64
N VAL B 370 -16.57 35.23 -14.76
CA VAL B 370 -16.43 36.24 -15.82
C VAL B 370 -15.44 35.77 -16.90
N ASP B 371 -14.18 35.50 -16.50
CA ASP B 371 -13.14 35.26 -17.48
C ASP B 371 -13.36 33.96 -18.24
N LYS B 372 -13.79 32.91 -17.54
CA LYS B 372 -13.91 31.58 -18.10
C LYS B 372 -15.30 31.38 -18.70
N LYS B 373 -15.36 30.64 -19.80
CA LYS B 373 -16.62 30.35 -20.45
C LYS B 373 -17.24 29.12 -19.80
N VAL B 374 -18.50 29.26 -19.39
CA VAL B 374 -19.30 28.12 -18.95
C VAL B 374 -19.84 27.46 -20.22
N LYS B 375 -19.38 26.24 -20.49
CA LYS B 375 -19.79 25.54 -21.72
C LYS B 375 -21.13 24.84 -21.55
N LYS B 376 -21.53 24.52 -20.33
CA LYS B 376 -22.69 23.66 -20.07
C LYS B 376 -23.09 23.78 -18.60
N ALA B 377 -24.39 23.61 -18.34
CA ALA B 377 -24.90 23.63 -16.97
C ALA B 377 -26.05 22.65 -16.86
N VAL B 378 -25.95 21.70 -15.93
CA VAL B 378 -26.99 20.70 -15.73
C VAL B 378 -27.18 20.48 -14.23
N VAL B 379 -28.32 19.89 -13.89
CA VAL B 379 -28.57 19.43 -12.52
C VAL B 379 -27.74 18.16 -12.32
N PHE B 380 -26.87 18.17 -11.31
CA PHE B 380 -25.98 17.04 -11.15
C PHE B 380 -26.75 15.72 -11.02
N ALA B 381 -27.86 15.74 -10.27
CA ALA B 381 -28.56 14.50 -9.93
C ALA B 381 -29.09 13.78 -11.16
N ASP B 382 -29.56 14.51 -12.16
CA ASP B 382 -30.24 13.87 -13.28
C ASP B 382 -29.82 14.41 -14.63
N LYS B 383 -28.85 15.30 -14.68
CA LYS B 383 -28.27 15.81 -15.93
C LYS B 383 -29.27 16.62 -16.75
N THR B 384 -30.35 17.03 -16.11
CA THR B 384 -31.31 17.97 -16.72
C THR B 384 -30.63 19.31 -16.96
N PRO B 385 -30.89 19.97 -18.11
CA PRO B 385 -30.24 21.26 -18.36
C PRO B 385 -30.71 22.36 -17.42
N VAL B 386 -29.80 23.27 -17.12
CA VAL B 386 -30.09 24.46 -16.37
C VAL B 386 -29.75 25.64 -17.29
N ARG B 387 -30.76 26.43 -17.65
CA ARG B 387 -30.52 27.58 -18.51
C ARG B 387 -29.79 28.66 -17.74
N PHE B 388 -28.95 29.42 -18.44
CA PHE B 388 -28.27 30.55 -17.82
C PHE B 388 -28.07 31.63 -18.87
N THR B 389 -27.94 32.88 -18.40
CA THR B 389 -27.62 34.01 -19.25
C THR B 389 -26.30 34.62 -18.81
N LYS B 390 -25.62 35.27 -19.74
CA LYS B 390 -24.38 35.97 -19.48
C LYS B 390 -24.66 37.46 -19.26
N ASN B 391 -24.02 38.02 -18.25
CA ASN B 391 -24.00 39.47 -18.05
C ASN B 391 -22.56 39.90 -17.80
N LYS B 392 -22.35 41.22 -17.69
CA LYS B 392 -21.00 41.75 -17.60
C LYS B 392 -20.25 41.16 -16.40
N GLU B 393 -20.96 40.75 -15.37
CA GLU B 393 -20.35 40.38 -14.09
C GLU B 393 -20.25 38.87 -13.89
N GLY B 394 -20.77 38.05 -14.80
CA GLY B 394 -20.78 36.61 -14.60
C GLY B 394 -21.95 35.97 -15.36
N ILE B 395 -22.60 35.01 -14.71
CA ILE B 395 -23.77 34.35 -15.28
C ILE B 395 -24.89 34.28 -14.25
N VAL B 396 -26.09 34.00 -14.73
CA VAL B 396 -27.27 33.90 -13.88
C VAL B 396 -27.98 32.60 -14.24
N LEU B 397 -27.96 31.64 -13.31
CA LEU B 397 -28.68 30.39 -13.47
C LEU B 397 -30.18 30.63 -13.27
N GLU B 398 -30.99 30.06 -14.15
CA GLU B 398 -32.45 30.09 -14.00
C GLU B 398 -32.85 28.72 -13.50
N LEU B 399 -33.31 28.65 -12.26
CA LEU B 399 -33.64 27.38 -11.63
C LEU B 399 -35.13 27.10 -11.74
N ALA B 400 -35.49 25.82 -11.63
CA ALA B 400 -36.88 25.43 -11.83
C ALA B 400 -37.76 25.80 -10.64
N LYS B 401 -37.16 26.00 -9.47
CA LYS B 401 -37.89 26.25 -8.24
C LYS B 401 -36.92 26.87 -7.26
N VAL B 402 -37.44 27.29 -6.12
CA VAL B 402 -36.58 27.73 -5.02
C VAL B 402 -36.08 26.45 -4.36
N PRO B 403 -34.78 26.15 -4.37
CA PRO B 403 -34.34 24.85 -3.85
C PRO B 403 -34.56 24.75 -2.37
N THR B 404 -35.01 23.57 -1.95
CA THR B 404 -35.21 23.25 -0.55
C THR B 404 -34.43 21.99 -0.17
N ASP B 405 -33.65 21.44 -1.10
CA ASP B 405 -32.84 20.26 -0.85
C ASP B 405 -31.71 20.58 0.13
N VAL B 406 -31.19 19.55 0.79
CA VAL B 406 -30.00 19.72 1.62
C VAL B 406 -28.92 20.39 0.80
N ASP B 407 -28.69 19.91 -0.43
CA ASP B 407 -27.68 20.46 -1.33
C ASP B 407 -28.17 20.25 -2.74
N TYR B 408 -28.58 21.34 -3.41
CA TYR B 408 -29.04 21.26 -4.81
C TYR B 408 -27.83 21.54 -5.68
N VAL B 409 -27.28 20.51 -6.29
CA VAL B 409 -26.00 20.64 -6.99
C VAL B 409 -26.24 20.87 -8.47
N VAL B 410 -25.66 21.95 -8.98
CA VAL B 410 -25.61 22.26 -10.40
C VAL B 410 -24.20 21.96 -10.88
N GLU B 411 -24.08 21.18 -11.93
CA GLU B 411 -22.78 20.82 -12.49
C GLU B 411 -22.50 21.70 -13.70
N LEU B 412 -21.46 22.52 -13.61
CA LEU B 412 -21.01 23.35 -14.72
C LEU B 412 -19.78 22.74 -15.38
N THR B 413 -19.75 22.79 -16.71
CA THR B 413 -18.60 22.40 -17.50
C THR B 413 -17.83 23.65 -17.91
N ILE B 414 -16.56 23.71 -17.55
CA ILE B 414 -15.69 24.85 -17.85
C ILE B 414 -14.36 24.35 -18.37
N ASP B 415 -13.80 25.06 -19.36
CA ASP B 415 -12.62 24.58 -20.08
C ASP B 415 -11.30 25.27 -19.69
C TRS C . 17.42 -20.76 -7.16
C1 TRS C . 17.45 -21.46 -5.77
C2 TRS C . 18.07 -21.64 -8.22
C3 TRS C . 18.21 -19.43 -7.07
N TRS C . 15.92 -20.50 -7.60
O1 TRS C . 18.75 -21.30 -5.10
O2 TRS C . 19.34 -22.10 -7.82
O3 TRS C . 17.40 -18.39 -7.37
H11 TRS C . 17.26 -22.53 -5.90
H12 TRS C . 16.67 -21.04 -5.14
H21 TRS C . 18.16 -21.07 -9.15
H22 TRS C . 17.42 -22.50 -8.41
H31 TRS C . 19.05 -19.45 -7.76
H32 TRS C . 18.61 -19.31 -6.06
HN1 TRS C . 15.32 -19.90 -7.04
HN2 TRS C . 15.28 -21.28 -7.69
HN3 TRS C . 15.73 -20.07 -8.50
HO1 TRS C . 18.62 -21.31 -4.13
HO2 TRS C . 19.71 -21.49 -7.15
HO3 TRS C . 16.62 -18.38 -6.76
S SO4 D . 31.33 -6.65 6.37
O1 SO4 D . 31.81 -7.35 7.57
O2 SO4 D . 31.40 -5.21 6.54
O3 SO4 D . 32.16 -7.04 5.22
O4 SO4 D . 29.93 -7.05 6.13
NA NA E . 11.23 1.68 -8.50
CL CL F . -11.47 -29.26 -18.76
C1 BTB G . -8.56 19.38 18.95
O1 BTB G . -9.16 20.63 18.81
C2 BTB G . -9.20 18.65 20.14
C3 BTB G . -10.62 18.24 19.65
O3 BTB G . -10.60 17.49 18.46
C4 BTB G . -8.47 17.31 20.44
O4 BTB G . -8.83 16.71 21.67
N BTB G . -9.25 19.46 21.37
C5 BTB G . -10.40 20.33 21.63
C6 BTB G . -11.47 19.62 22.45
O6 BTB G . -10.88 19.23 23.68
C7 BTB G . -8.00 20.16 21.70
C8 BTB G . -7.68 20.21 23.18
O8 BTB G . -7.83 18.96 23.81
H11 BTB G . -7.60 19.46 19.10
H12 BTB G . -8.65 18.85 18.15
HO1 BTB G . -9.76 20.56 18.20
H31 BTB G . -11.15 19.04 19.51
H32 BTB G . -11.07 17.72 20.34
HO3 BTB G . -10.37 16.70 18.70
H41 BTB G . -7.51 17.47 20.41
H42 BTB G . -8.65 16.70 19.70
HO4 BTB G . -9.62 16.99 21.86
H51 BTB G . -10.81 20.63 20.80
H52 BTB G . -10.15 21.14 22.10
H61 BTB G . -11.81 18.85 21.96
H62 BTB G . -12.23 20.22 22.60
HO6 BTB G . -10.45 18.50 23.54
H71 BTB G . -8.02 21.07 21.37
H72 BTB G . -7.25 19.75 21.25
H81 BTB G . -8.26 20.87 23.59
H82 BTB G . -6.77 20.53 23.27
HO8 BTB G . -8.49 18.56 23.48
S SO4 H . 4.65 3.53 34.55
O1 SO4 H . 5.57 3.98 35.59
O2 SO4 H . 4.66 4.49 33.44
O3 SO4 H . 5.05 2.19 34.07
O4 SO4 H . 3.28 3.45 35.09
S SO4 I . -26.75 34.41 -23.16
O1 SO4 I . -27.06 35.59 -22.36
O2 SO4 I . -25.68 34.72 -24.11
O3 SO4 I . -27.96 34.01 -23.89
O4 SO4 I . -26.31 33.31 -22.29
#